data_5U3R
#
_entry.id   5U3R
#
_cell.length_a   39.600
_cell.length_b   94.580
_cell.length_c   96.220
_cell.angle_alpha   90.00
_cell.angle_beta   97.88
_cell.angle_gamma   90.00
#
_symmetry.space_group_name_H-M   'P 1 21 1'
#
loop_
_entity.id
_entity.type
_entity.pdbx_description
1 polymer 'Peroxisome proliferator-activated receptor delta'
2 non-polymer 'heptyl beta-D-glucopyranoside'
3 non-polymer '6-[2-({[4-(furan-2-yl)benzene-1-carbonyl](propan-2-yl)amino}methyl)phenoxy]hexanoic acid'
4 non-polymer S-1,2-PROPANEDIOL
5 non-polymer DI(HYDROXYETHYL)ETHER
6 water water
#
_entity_poly.entity_id   1
_entity_poly.type   'polypeptide(L)'
_entity_poly.pdbx_seq_one_letter_code
;PQVADLKAFSKHIYNAYLKNFNMTKKKARSILTGKASHTAPFVIHDIETLWQAEKGLVWKQLVNGLPPYKEISVHVFYRC
QCTTVETVRELTEFAKSIPSFSSLFLNDQVTLLKYGVHEAIFAMLASIVNKDGLLVANGSGFVTREFLRSLRKPFSDIIE
PKFEFAVKFNALELDDSDLALFIAAIILCGDRPGLMNVPRVEAIQDTILRALEFHLQANHPDAQYLFPKLLQKMADLRQL
VTEHAQMMQRIKKTETETSLHPLLQEIYKDMY
;
_entity_poly.pdbx_strand_id   A,B
#
loop_
_chem_comp.id
_chem_comp.type
_chem_comp.name
_chem_comp.formula
7V1 non-polymer '6-[2-({[4-(furan-2-yl)benzene-1-carbonyl](propan-2-yl)amino}methyl)phenoxy]hexanoic acid' 'C27 H31 N O5'
B7G D-saccharide 'heptyl beta-D-glucopyranoside' 'C13 H26 O6'
PEG non-polymer DI(HYDROXYETHYL)ETHER 'C4 H10 O3'
PGO non-polymer S-1,2-PROPANEDIOL 'C3 H8 O2'
#
# COMPACT_ATOMS: atom_id res chain seq x y z
N PRO A 1 7.62 -24.35 -23.95
CA PRO A 1 7.03 -23.00 -23.91
C PRO A 1 7.02 -22.43 -22.50
N GLN A 2 6.42 -23.18 -21.57
CA GLN A 2 6.42 -22.82 -20.15
C GLN A 2 7.81 -22.32 -19.73
N VAL A 3 8.87 -23.06 -20.08
CA VAL A 3 10.22 -22.74 -19.59
C VAL A 3 10.67 -21.37 -20.07
N ALA A 4 10.44 -21.07 -21.38
CA ALA A 4 10.87 -19.81 -21.98
C ALA A 4 10.14 -18.60 -21.41
N ASP A 5 8.82 -18.73 -21.18
CA ASP A 5 8.06 -17.62 -20.62
C ASP A 5 8.54 -17.28 -19.21
N LEU A 6 8.76 -18.31 -18.40
CA LEU A 6 9.21 -18.08 -17.05
C LEU A 6 10.55 -17.38 -17.04
N LYS A 7 11.38 -17.58 -18.07
CA LYS A 7 12.71 -17.00 -18.03
C LYS A 7 12.64 -15.48 -18.11
N ALA A 8 11.72 -14.97 -18.94
CA ALA A 8 11.48 -13.53 -19.02
C ALA A 8 10.88 -12.99 -17.74
N PHE A 9 9.91 -13.70 -17.18
CA PHE A 9 9.38 -13.37 -15.86
C PHE A 9 10.51 -13.22 -14.85
N SER A 10 11.40 -14.20 -14.75
CA SER A 10 12.48 -14.12 -13.77
C SER A 10 13.37 -12.92 -14.03
N LYS A 11 13.59 -12.58 -15.32
CA LYS A 11 14.43 -11.42 -15.60
C LYS A 11 13.78 -10.12 -15.12
N HIS A 12 12.47 -9.96 -15.31
CA HIS A 12 11.83 -8.76 -14.79
C HIS A 12 11.90 -8.71 -13.26
N ILE A 13 11.69 -9.84 -12.57
CA ILE A 13 11.84 -9.84 -11.11
C ILE A 13 13.28 -9.50 -10.71
N TYR A 14 14.28 -10.03 -11.44
CA TYR A 14 15.67 -9.67 -11.14
C TYR A 14 15.92 -8.18 -11.35
N ASN A 15 15.31 -7.58 -12.39
CA ASN A 15 15.52 -6.15 -12.62
C ASN A 15 14.89 -5.33 -11.50
N ALA A 16 13.70 -5.74 -11.07
CA ALA A 16 13.06 -5.15 -9.91
C ALA A 16 13.97 -5.17 -8.70
N TYR A 17 14.67 -6.29 -8.52
CA TYR A 17 15.58 -6.43 -7.38
C TYR A 17 16.77 -5.48 -7.53
N LEU A 18 17.39 -5.47 -8.72
CA LEU A 18 18.58 -4.64 -8.94
C LEU A 18 18.27 -3.16 -8.85
N LYS A 19 17.05 -2.78 -9.23
CA LYS A 19 16.65 -1.39 -9.18
C LYS A 19 16.39 -0.88 -7.77
N ASN A 20 16.06 -1.75 -6.83
CA ASN A 20 15.46 -1.31 -5.59
C ASN A 20 16.27 -1.62 -4.33
N PHE A 21 17.12 -2.63 -4.32
CA PHE A 21 17.82 -2.97 -3.10
C PHE A 21 19.13 -2.20 -2.98
N ASN A 22 19.33 -1.68 -1.77
CA ASN A 22 20.49 -0.88 -1.39
C ASN A 22 21.79 -1.60 -1.69
N MET A 23 21.88 -2.86 -1.28
CA MET A 23 23.08 -3.61 -1.53
C MET A 23 22.75 -4.98 -2.05
N THR A 24 23.53 -5.42 -3.04
CA THR A 24 23.46 -6.79 -3.56
C THR A 24 24.31 -7.73 -2.72
N LYS A 25 23.92 -9.01 -2.74
CA LYS A 25 24.79 -10.03 -2.17
C LYS A 25 26.14 -10.03 -2.86
N LYS A 26 26.17 -9.81 -4.18
CA LYS A 26 27.47 -9.71 -4.85
C LYS A 26 28.33 -8.63 -4.20
N LYS A 27 27.77 -7.43 -3.98
CA LYS A 27 28.57 -6.38 -3.37
C LYS A 27 28.94 -6.74 -1.93
N ALA A 28 27.99 -7.26 -1.16
CA ALA A 28 28.25 -7.65 0.22
C ALA A 28 29.38 -8.66 0.31
N ARG A 29 29.34 -9.74 -0.48
CA ARG A 29 30.41 -10.71 -0.28
C ARG A 29 31.77 -10.13 -0.70
N SER A 30 31.80 -9.18 -1.64
CA SER A 30 33.10 -8.63 -2.01
C SER A 30 33.69 -7.83 -0.86
N ILE A 31 32.85 -7.12 -0.11
CA ILE A 31 33.32 -6.44 1.09
C ILE A 31 33.71 -7.46 2.16
N LEU A 32 32.82 -8.40 2.46
CA LEU A 32 33.11 -9.30 3.56
C LEU A 32 34.37 -10.12 3.33
N THR A 33 34.71 -10.40 2.07
CA THR A 33 35.92 -11.18 1.83
C THR A 33 37.15 -10.32 1.62
N GLY A 34 36.99 -9.02 1.42
CA GLY A 34 38.08 -8.09 1.32
C GLY A 34 38.71 -7.91 -0.05
N LYS A 35 38.09 -8.41 -1.11
CA LYS A 35 38.73 -8.29 -2.42
C LYS A 35 38.50 -6.92 -3.05
N ALA A 36 37.28 -6.40 -2.92
CA ALA A 36 36.83 -5.26 -3.73
C ALA A 36 37.67 -4.01 -3.47
N SER A 37 37.70 -3.54 -2.23
CA SER A 37 37.94 -2.14 -1.90
C SER A 37 39.39 -1.83 -1.54
N HIS A 38 39.75 -0.56 -1.76
CA HIS A 38 40.90 0.13 -1.18
C HIS A 38 40.68 0.46 0.29
N THR A 39 39.53 0.07 0.84
CA THR A 39 39.19 0.40 2.21
C THR A 39 38.35 -0.75 2.78
N ALA A 40 38.56 -1.05 4.04
CA ALA A 40 37.85 -2.13 4.67
C ALA A 40 36.86 -1.57 5.69
N PRO A 41 35.76 -2.27 5.94
CA PRO A 41 34.77 -1.78 6.90
C PRO A 41 35.40 -1.59 8.29
N PHE A 42 34.97 -0.55 8.99
CA PHE A 42 35.38 -0.32 10.38
C PHE A 42 34.79 -1.40 11.28
N VAL A 43 35.62 -2.07 12.09
CA VAL A 43 35.11 -3.18 12.89
C VAL A 43 34.62 -2.67 14.22
N ILE A 44 33.35 -2.93 14.52
CA ILE A 44 32.71 -2.53 15.77
C ILE A 44 32.59 -3.78 16.61
N HIS A 45 33.35 -3.87 17.69
CA HIS A 45 33.37 -5.06 18.53
C HIS A 45 33.22 -4.81 20.02
N ASP A 46 33.00 -3.56 20.45
CA ASP A 46 32.88 -3.24 21.88
C ASP A 46 32.33 -1.82 22.00
N ILE A 47 32.18 -1.33 23.22
CA ILE A 47 31.58 -0.01 23.37
C ILE A 47 32.43 1.08 22.71
N GLU A 48 33.75 1.02 22.87
CA GLU A 48 34.59 2.11 22.36
C GLU A 48 34.52 2.20 20.84
N THR A 49 34.55 1.05 20.15
CA THR A 49 34.47 1.12 18.69
C THR A 49 33.06 1.44 18.21
N LEU A 50 32.04 1.02 18.94
CA LEU A 50 30.71 1.52 18.63
C LEU A 50 30.67 3.03 18.74
N TRP A 51 31.19 3.58 19.84
CA TRP A 51 31.17 5.03 19.95
C TRP A 51 31.96 5.65 18.80
N GLN A 52 33.12 5.10 18.47
CA GLN A 52 33.89 5.68 17.37
C GLN A 52 33.14 5.58 16.06
N ALA A 53 32.33 4.53 15.87
CA ALA A 53 31.60 4.41 14.63
C ALA A 53 30.50 5.46 14.54
N GLU A 54 29.75 5.66 15.63
CA GLU A 54 28.75 6.73 15.69
C GLU A 54 29.38 8.10 15.46
N LYS A 55 30.57 8.30 16.02
N LYS A 55 30.62 8.28 15.90
CA LYS A 55 31.21 9.61 16.07
CA LYS A 55 31.32 9.54 15.66
C LYS A 55 31.68 10.09 14.70
C LYS A 55 31.80 9.66 14.21
N GLY A 56 31.55 9.25 13.66
N GLY A 56 32.17 8.55 13.56
CA GLY A 56 31.88 9.68 12.32
CA GLY A 56 32.85 8.64 12.29
C GLY A 56 32.57 8.63 11.48
C GLY A 56 32.31 7.83 11.12
N LEU A 57 33.32 7.71 12.09
N LEU A 57 31.30 6.99 11.36
CA LEU A 57 33.97 6.67 11.29
CA LEU A 57 30.65 6.27 10.26
C LEU A 57 32.98 5.79 10.52
C LEU A 57 29.45 7.05 9.79
N VAL A 58 31.69 5.82 10.84
N VAL A 58 29.19 7.00 8.48
CA VAL A 58 30.74 4.98 10.10
CA VAL A 58 28.01 7.62 7.89
C VAL A 58 29.44 5.74 9.84
C VAL A 58 26.87 6.61 7.90
N TRP A 59 28.82 6.24 10.92
N TRP A 59 25.79 6.93 8.61
CA TRP A 59 27.72 7.19 10.84
CA TRP A 59 24.63 6.05 8.76
C TRP A 59 28.30 8.59 11.07
C TRP A 59 23.42 6.61 8.04
N LYS A 60 28.34 9.41 10.02
N LYS A 60 22.65 5.72 7.40
CA LYS A 60 29.10 10.66 10.09
CA LYS A 60 21.44 6.16 6.71
C LYS A 60 28.59 11.59 11.18
C LYS A 60 20.60 7.06 7.61
N GLN A 61 27.91 11.02 12.19
N GLN A 61 20.45 6.67 8.88
CA GLN A 61 27.65 11.67 13.48
CA GLN A 61 19.72 7.43 9.87
C GLN A 61 26.71 12.86 13.38
C GLN A 61 20.69 8.19 10.76
N LEU A 62 25.59 12.70 12.66
N LEU A 62 20.59 9.52 10.74
CA LEU A 62 24.66 13.83 12.60
CA LEU A 62 21.33 10.36 11.69
C LEU A 62 23.56 13.70 13.65
C LEU A 62 21.08 9.92 13.12
N VAL A 63 22.81 14.78 13.81
N VAL A 63 22.15 9.87 13.92
CA VAL A 63 21.83 14.94 14.89
CA VAL A 63 22.04 9.44 15.32
C VAL A 63 20.82 13.80 14.81
C VAL A 63 21.06 10.32 16.07
N ASN A 64 21.09 12.71 15.53
N ASN A 64 21.16 11.65 15.86
CA ASN A 64 20.30 11.50 15.45
CA ASN A 64 20.24 12.59 16.48
C ASN A 64 18.83 11.75 15.74
C ASN A 64 18.79 12.24 16.19
N GLY A 65 17.98 11.30 14.82
N GLY A 65 18.55 11.45 15.14
CA GLY A 65 16.57 11.18 15.07
CA GLY A 65 17.22 11.03 14.76
C GLY A 65 16.17 9.93 15.83
C GLY A 65 16.66 9.89 15.59
N LEU A 66 17.09 8.95 15.94
N LEU A 66 17.48 8.86 15.83
CA LEU A 66 16.87 7.76 16.76
CA LEU A 66 17.10 7.72 16.66
C LEU A 66 16.22 8.20 18.05
C LEU A 66 16.38 8.22 17.90
N PRO A 67 15.35 7.39 18.64
N PRO A 67 15.55 7.40 18.54
CA PRO A 67 14.75 7.77 19.92
CA PRO A 67 14.90 7.82 19.79
C PRO A 67 15.83 8.19 20.90
C PRO A 67 15.94 8.26 20.80
N PRO A 68 15.52 9.01 21.89
N PRO A 68 15.54 8.99 21.83
CA PRO A 68 16.57 9.51 22.79
CA PRO A 68 16.51 9.46 22.82
C PRO A 68 17.37 8.36 23.38
C PRO A 68 17.39 8.32 23.31
N TYR A 69 18.64 8.64 23.66
CA TYR A 69 19.55 7.59 24.08
C TYR A 69 19.10 6.96 25.40
N LYS A 70 19.27 5.65 25.51
CA LYS A 70 18.95 4.94 26.75
C LYS A 70 20.15 4.19 27.32
N GLU A 71 20.79 3.29 26.55
CA GLU A 71 21.92 2.46 27.02
C GLU A 71 22.41 1.66 25.80
N ILE A 72 23.58 1.03 25.94
CA ILE A 72 24.23 0.42 24.79
C ILE A 72 23.32 -0.57 24.08
N SER A 73 22.66 -1.45 24.83
CA SER A 73 21.90 -2.55 24.23
C SER A 73 20.68 -2.03 23.49
N VAL A 74 20.03 -0.98 24.03
CA VAL A 74 18.84 -0.36 23.41
C VAL A 74 19.25 0.43 22.18
N HIS A 75 20.34 1.20 22.31
CA HIS A 75 20.89 1.91 21.17
C HIS A 75 21.09 0.97 19.99
N VAL A 76 21.72 -0.18 20.22
CA VAL A 76 21.94 -1.14 19.14
C VAL A 76 20.58 -1.61 18.59
N PHE A 77 19.65 -1.87 19.49
CA PHE A 77 18.30 -2.26 19.06
C PHE A 77 17.64 -1.19 18.20
N TYR A 78 17.88 0.09 18.53
CA TYR A 78 17.33 1.17 17.71
C TYR A 78 17.95 1.17 16.32
N ARG A 79 19.26 0.92 16.21
CA ARG A 79 19.83 0.81 14.85
C ARG A 79 19.24 -0.38 14.10
N CYS A 80 19.04 -1.50 14.80
CA CYS A 80 18.37 -2.65 14.12
C CYS A 80 17.00 -2.24 13.63
N GLN A 81 16.27 -1.47 14.44
CA GLN A 81 14.95 -1.00 14.05
C GLN A 81 15.01 -0.07 12.85
N CYS A 82 15.97 0.87 12.89
CA CYS A 82 16.10 1.79 11.78
CA CYS A 82 16.16 1.80 11.79
C CYS A 82 16.39 1.07 10.47
N THR A 83 17.28 0.10 10.49
CA THR A 83 17.58 -0.60 9.26
C THR A 83 16.42 -1.50 8.83
N THR A 84 15.65 -2.04 9.78
CA THR A 84 14.51 -2.87 9.42
C THR A 84 13.50 -2.04 8.67
N VAL A 85 13.18 -0.84 9.18
CA VAL A 85 12.23 0.05 8.51
C VAL A 85 12.74 0.45 7.12
N GLU A 86 14.04 0.74 6.99
N GLU A 86 14.03 0.72 6.99
CA GLU A 86 14.62 1.02 5.68
CA GLU A 86 14.57 1.02 5.66
C GLU A 86 14.43 -0.18 4.74
C GLU A 86 14.43 -0.18 4.73
N THR A 87 14.59 -1.40 5.26
CA THR A 87 14.43 -2.58 4.39
C THR A 87 12.95 -2.82 4.02
N VAL A 88 12.02 -2.52 4.93
CA VAL A 88 10.60 -2.51 4.55
C VAL A 88 10.37 -1.57 3.37
N ARG A 89 10.92 -0.35 3.43
CA ARG A 89 10.72 0.56 2.31
C ARG A 89 11.23 -0.06 1.01
N GLU A 90 12.44 -0.64 1.03
CA GLU A 90 13.03 -1.24 -0.18
C GLU A 90 12.19 -2.41 -0.67
N LEU A 91 11.72 -3.26 0.26
CA LEU A 91 10.91 -4.42 -0.10
C LEU A 91 9.59 -3.98 -0.69
N THR A 92 9.04 -2.85 -0.19
CA THR A 92 7.80 -2.30 -0.73
C THR A 92 8.01 -1.87 -2.17
N GLU A 93 9.11 -1.14 -2.43
CA GLU A 93 9.37 -0.74 -3.82
C GLU A 93 9.67 -1.96 -4.69
N PHE A 94 10.41 -2.94 -4.18
CA PHE A 94 10.67 -4.15 -4.97
C PHE A 94 9.36 -4.80 -5.45
N ALA A 95 8.41 -4.99 -4.51
CA ALA A 95 7.11 -5.57 -4.77
C ALA A 95 6.33 -4.74 -5.74
N LYS A 96 6.32 -3.44 -5.54
CA LYS A 96 5.59 -2.58 -6.48
C LYS A 96 6.17 -2.65 -7.89
N SER A 97 7.47 -2.99 -8.04
CA SER A 97 8.08 -3.12 -9.37
C SER A 97 7.76 -4.47 -10.00
N ILE A 98 7.01 -5.33 -9.33
CA ILE A 98 6.54 -6.59 -9.89
C ILE A 98 5.11 -6.37 -10.37
N PRO A 99 4.82 -6.41 -11.68
CA PRO A 99 3.49 -5.98 -12.14
C PRO A 99 2.37 -6.77 -11.53
N SER A 100 2.55 -8.08 -11.38
CA SER A 100 1.48 -8.87 -10.80
C SER A 100 1.27 -8.52 -9.33
N PHE A 101 2.29 -8.00 -8.63
CA PHE A 101 1.98 -7.49 -7.28
C PHE A 101 1.19 -6.18 -7.36
N SER A 102 1.63 -5.26 -8.23
CA SER A 102 1.01 -3.94 -8.32
C SER A 102 -0.41 -3.97 -8.85
N SER A 103 -0.77 -5.03 -9.58
CA SER A 103 -2.13 -5.28 -10.04
C SER A 103 -3.09 -5.73 -8.95
N LEU A 104 -2.59 -6.15 -7.79
CA LEU A 104 -3.46 -6.51 -6.68
C LEU A 104 -4.08 -5.26 -6.08
N PHE A 105 -5.22 -5.42 -5.43
CA PHE A 105 -5.77 -4.26 -4.78
C PHE A 105 -4.81 -3.81 -3.67
N LEU A 106 -4.82 -2.52 -3.38
CA LEU A 106 -3.81 -1.99 -2.46
C LEU A 106 -3.88 -2.63 -1.09
N ASN A 107 -5.09 -3.05 -0.63
CA ASN A 107 -5.19 -3.68 0.68
C ASN A 107 -4.57 -5.07 0.71
N ASP A 108 -4.60 -5.81 -0.38
CA ASP A 108 -3.85 -7.07 -0.39
C ASP A 108 -2.34 -6.81 -0.46
N GLN A 109 -1.91 -5.77 -1.17
CA GLN A 109 -0.46 -5.46 -1.16
C GLN A 109 0.01 -5.24 0.28
N VAL A 110 -0.76 -4.47 1.04
CA VAL A 110 -0.44 -4.22 2.43
C VAL A 110 -0.45 -5.51 3.24
N THR A 111 -1.43 -6.38 3.00
CA THR A 111 -1.47 -7.60 3.79
C THR A 111 -0.27 -8.46 3.50
N LEU A 112 0.11 -8.58 2.22
CA LEU A 112 1.32 -9.36 1.88
C LEU A 112 2.59 -8.77 2.51
N LEU A 113 2.78 -7.45 2.43
CA LEU A 113 4.00 -6.90 3.04
C LEU A 113 3.95 -7.03 4.56
N LYS A 114 2.81 -6.73 5.16
CA LYS A 114 2.69 -6.91 6.61
C LYS A 114 3.24 -8.26 7.07
N TYR A 115 2.71 -9.33 6.51
CA TYR A 115 3.09 -10.67 7.00
C TYR A 115 4.30 -11.27 6.26
N GLY A 116 4.81 -10.61 5.23
CA GLY A 116 5.99 -11.10 4.52
C GLY A 116 7.32 -10.37 4.75
N VAL A 117 7.33 -9.10 5.19
CA VAL A 117 8.62 -8.40 5.11
C VAL A 117 9.63 -9.02 6.07
N HIS A 118 9.20 -9.49 7.24
CA HIS A 118 10.24 -9.97 8.16
C HIS A 118 10.84 -11.27 7.66
N GLU A 119 10.03 -12.16 7.07
CA GLU A 119 10.62 -13.33 6.43
C GLU A 119 11.64 -12.90 5.37
N ALA A 120 11.28 -11.94 4.53
CA ALA A 120 12.19 -11.54 3.46
C ALA A 120 13.44 -10.86 4.01
N ILE A 121 13.26 -10.00 5.03
CA ILE A 121 14.40 -9.35 5.67
C ILE A 121 15.41 -10.37 6.17
N PHE A 122 14.93 -11.40 6.87
CA PHE A 122 15.84 -12.34 7.49
C PHE A 122 16.51 -13.24 6.46
N ALA A 123 15.85 -13.45 5.33
CA ALA A 123 16.49 -14.12 4.20
C ALA A 123 17.57 -13.23 3.58
N MET A 124 17.23 -11.98 3.29
N MET A 124 17.23 -11.97 3.28
CA MET A 124 18.20 -11.07 2.68
CA MET A 124 18.21 -11.06 2.65
C MET A 124 19.33 -10.75 3.64
C MET A 124 19.29 -10.62 3.64
N LEU A 125 19.04 -10.76 4.93
CA LEU A 125 20.08 -10.53 5.93
C LEU A 125 21.27 -11.45 5.71
N ALA A 126 21.02 -12.70 5.32
CA ALA A 126 22.16 -13.61 5.17
C ALA A 126 23.22 -13.06 4.21
N SER A 127 22.82 -12.23 3.26
CA SER A 127 23.70 -11.68 2.23
C SER A 127 24.78 -10.78 2.82
N ILE A 128 24.48 -10.10 3.94
CA ILE A 128 25.50 -9.24 4.58
C ILE A 128 26.14 -9.88 5.82
N VAL A 129 25.97 -11.21 6.02
CA VAL A 129 26.38 -11.90 7.25
C VAL A 129 27.51 -12.87 6.94
N ASN A 130 28.51 -12.97 7.81
CA ASN A 130 29.25 -14.23 7.88
C ASN A 130 29.19 -14.81 9.29
N LYS A 131 29.95 -15.87 9.51
CA LYS A 131 29.87 -16.48 10.81
C LYS A 131 30.40 -15.55 11.88
N ASP A 132 31.17 -14.52 11.50
CA ASP A 132 31.82 -13.63 12.48
C ASP A 132 31.07 -12.32 12.74
N GLY A 133 30.10 -11.95 11.90
CA GLY A 133 29.28 -10.78 12.14
C GLY A 133 28.56 -10.35 10.89
N LEU A 134 28.20 -9.07 10.85
CA LEU A 134 27.46 -8.56 9.70
C LEU A 134 27.84 -7.12 9.36
N LEU A 135 27.58 -6.76 8.11
CA LEU A 135 27.84 -5.41 7.61
C LEU A 135 26.77 -4.43 8.08
N VAL A 136 27.19 -3.18 8.34
CA VAL A 136 26.30 -2.10 8.72
C VAL A 136 26.70 -0.82 7.97
N ALA A 137 25.76 0.14 7.91
CA ALA A 137 26.05 1.46 7.36
C ALA A 137 26.49 1.36 5.91
N ASN A 138 25.76 0.58 5.15
CA ASN A 138 26.06 0.45 3.75
C ASN A 138 27.41 -0.21 3.53
N GLY A 139 27.82 -1.15 4.38
CA GLY A 139 29.16 -1.71 4.17
C GLY A 139 30.30 -0.90 4.75
N SER A 140 30.03 0.25 5.38
CA SER A 140 31.11 1.03 6.04
C SER A 140 31.60 0.38 7.33
N GLY A 141 30.72 -0.33 8.03
CA GLY A 141 31.03 -0.97 9.28
C GLY A 141 30.83 -2.48 9.25
N PHE A 142 31.45 -3.18 10.20
CA PHE A 142 31.22 -4.61 10.39
C PHE A 142 31.06 -4.82 11.87
N VAL A 143 29.88 -5.31 12.30
CA VAL A 143 29.62 -5.50 13.72
C VAL A 143 29.80 -6.97 14.03
N THR A 144 30.72 -7.25 14.98
CA THR A 144 30.98 -8.63 15.27
C THR A 144 29.80 -9.26 15.97
N ARG A 145 29.60 -10.53 15.66
CA ARG A 145 28.58 -11.34 16.28
C ARG A 145 28.81 -11.48 17.76
N GLU A 146 30.09 -11.60 18.15
CA GLU A 146 30.46 -11.67 19.57
C GLU A 146 29.99 -10.43 20.32
N PHE A 147 30.26 -9.25 19.77
CA PHE A 147 29.72 -8.04 20.38
C PHE A 147 28.21 -8.13 20.55
N LEU A 148 27.49 -8.49 19.49
CA LEU A 148 26.03 -8.56 19.64
C LEU A 148 25.64 -9.59 20.69
N ARG A 149 26.42 -10.66 20.84
CA ARG A 149 26.12 -11.66 21.87
C ARG A 149 26.30 -11.12 23.28
N SER A 150 27.18 -10.12 23.43
CA SER A 150 27.48 -9.49 24.69
C SER A 150 26.39 -8.54 25.15
N LEU A 151 25.40 -8.25 24.31
CA LEU A 151 24.40 -7.34 24.79
C LEU A 151 23.52 -8.05 25.81
N ARG A 152 22.80 -7.26 26.57
CA ARG A 152 22.07 -7.92 27.63
C ARG A 152 20.80 -8.52 27.05
N LYS A 153 20.27 -9.51 27.75
CA LYS A 153 18.95 -10.01 27.37
C LYS A 153 17.98 -8.87 27.59
N PRO A 154 16.98 -8.74 26.74
CA PRO A 154 16.57 -9.67 25.68
C PRO A 154 17.10 -9.36 24.29
N PHE A 155 18.04 -8.42 24.22
CA PHE A 155 18.47 -7.94 22.92
C PHE A 155 19.43 -8.90 22.25
N SER A 156 20.33 -9.50 23.03
CA SER A 156 21.23 -10.51 22.47
C SER A 156 20.44 -11.71 21.93
N ASP A 157 19.42 -12.16 22.67
CA ASP A 157 18.67 -13.36 22.28
C ASP A 157 17.87 -13.19 21.00
N ILE A 158 17.43 -11.96 20.72
CA ILE A 158 16.65 -11.74 19.49
C ILE A 158 17.56 -11.72 18.29
N ILE A 159 18.87 -11.59 18.52
CA ILE A 159 19.83 -11.45 17.44
C ILE A 159 20.44 -12.80 17.05
N GLU A 160 20.91 -13.61 18.01
CA GLU A 160 21.66 -14.80 17.62
C GLU A 160 20.91 -15.78 16.70
N PRO A 161 19.59 -16.02 16.85
CA PRO A 161 18.94 -17.01 15.95
C PRO A 161 19.04 -16.63 14.48
N LYS A 162 19.16 -15.33 14.18
CA LYS A 162 19.23 -14.88 12.80
C LYS A 162 20.55 -15.25 12.20
N PHE A 163 21.63 -15.20 12.99
CA PHE A 163 22.93 -15.71 12.53
C PHE A 163 22.86 -17.20 12.25
N GLU A 164 22.25 -17.95 13.17
CA GLU A 164 22.16 -19.39 12.95
C GLU A 164 21.48 -19.68 11.62
N PHE A 165 20.36 -19.03 11.37
CA PHE A 165 19.68 -19.24 10.09
C PHE A 165 20.58 -18.82 8.93
N ALA A 166 21.21 -17.63 9.03
CA ALA A 166 21.93 -17.05 7.89
C ALA A 166 23.12 -17.92 7.44
N VAL A 167 23.84 -18.50 8.42
CA VAL A 167 25.04 -19.26 8.08
C VAL A 167 24.64 -20.50 7.29
N LYS A 168 23.61 -21.21 7.76
CA LYS A 168 23.08 -22.33 7.02
C LYS A 168 22.53 -21.88 5.67
N PHE A 169 21.86 -20.74 5.62
CA PHE A 169 21.28 -20.30 4.34
C PHE A 169 22.37 -20.01 3.31
N ASN A 170 23.46 -19.33 3.72
CA ASN A 170 24.58 -19.01 2.83
C ASN A 170 25.31 -20.22 2.29
N ALA A 171 25.23 -21.38 2.95
CA ALA A 171 25.90 -22.53 2.38
C ALA A 171 25.15 -23.08 1.17
N LEU A 172 23.90 -22.66 0.92
CA LEU A 172 23.26 -22.98 -0.36
C LEU A 172 23.80 -22.14 -1.53
N GLU A 173 24.61 -21.10 -1.25
CA GLU A 173 25.34 -20.36 -2.29
C GLU A 173 24.42 -19.72 -3.34
N LEU A 174 23.29 -19.17 -2.91
CA LEU A 174 22.44 -18.41 -3.83
C LEU A 174 23.13 -17.13 -4.31
N ASP A 175 22.89 -16.75 -5.57
CA ASP A 175 23.31 -15.43 -6.03
C ASP A 175 22.11 -14.49 -6.07
N ASP A 176 22.36 -13.24 -6.49
CA ASP A 176 21.31 -12.22 -6.40
C ASP A 176 20.13 -12.57 -7.30
N SER A 177 20.39 -13.24 -8.43
CA SER A 177 19.30 -13.59 -9.34
C SER A 177 18.43 -14.69 -8.76
N ASP A 178 19.02 -15.62 -7.98
CA ASP A 178 18.20 -16.56 -7.22
C ASP A 178 17.39 -15.85 -6.17
N LEU A 179 18.06 -15.00 -5.39
CA LEU A 179 17.39 -14.37 -4.28
C LEU A 179 16.23 -13.51 -4.73
N ALA A 180 16.34 -12.90 -5.91
CA ALA A 180 15.23 -12.05 -6.36
C ALA A 180 13.94 -12.86 -6.42
N LEU A 181 14.04 -14.08 -6.96
CA LEU A 181 12.87 -14.96 -7.11
C LEU A 181 12.43 -15.49 -5.76
N PHE A 182 13.41 -15.83 -4.92
CA PHE A 182 13.12 -16.38 -3.61
C PHE A 182 12.38 -15.35 -2.76
N ILE A 183 12.87 -14.11 -2.79
CA ILE A 183 12.20 -13.07 -2.01
C ILE A 183 10.82 -12.79 -2.57
N ALA A 184 10.68 -12.81 -3.90
CA ALA A 184 9.36 -12.53 -4.46
C ALA A 184 8.38 -13.61 -4.05
N ALA A 185 8.84 -14.87 -3.97
CA ALA A 185 7.99 -15.99 -3.54
C ALA A 185 7.56 -15.82 -2.09
N ILE A 186 8.46 -15.28 -1.27
CA ILE A 186 8.10 -14.99 0.12
C ILE A 186 7.04 -13.92 0.20
N ILE A 187 7.16 -12.87 -0.63
N ILE A 187 7.16 -12.85 -0.59
CA ILE A 187 6.21 -11.75 -0.51
CA ILE A 187 6.16 -11.76 -0.47
C ILE A 187 4.85 -12.13 -1.12
C ILE A 187 4.81 -12.24 -0.97
N LEU A 188 4.83 -12.92 -2.19
N LEU A 188 4.72 -12.66 -2.24
CA LEU A 188 3.58 -13.25 -2.89
CA LEU A 188 3.49 -13.16 -2.85
C LEU A 188 3.04 -14.59 -2.37
C LEU A 188 3.22 -14.57 -2.31
N CYS A 189 2.67 -14.60 -1.10
CA CYS A 189 2.40 -15.84 -0.40
C CYS A 189 0.90 -15.96 -0.16
N GLY A 190 0.31 -17.01 -0.71
CA GLY A 190 -1.12 -17.05 -0.60
C GLY A 190 -1.65 -17.37 0.78
N ASP A 191 -0.81 -17.79 1.72
CA ASP A 191 -1.21 -18.20 3.07
C ASP A 191 -1.43 -17.03 4.07
N ARG A 192 -1.08 -15.82 3.71
CA ARG A 192 -1.13 -14.72 4.68
C ARG A 192 -2.56 -14.50 5.18
N PRO A 193 -2.74 -14.27 6.48
CA PRO A 193 -4.07 -14.09 7.05
C PRO A 193 -4.79 -12.86 6.49
N GLY A 194 -6.07 -13.02 6.16
CA GLY A 194 -6.89 -11.89 5.75
C GLY A 194 -6.71 -11.45 4.32
N LEU A 195 -5.97 -12.21 3.51
CA LEU A 195 -5.91 -11.90 2.08
C LEU A 195 -7.30 -11.85 1.50
N MET A 196 -7.54 -10.84 0.68
CA MET A 196 -8.83 -10.76 0.05
C MET A 196 -8.88 -11.70 -1.16
N ASN A 197 -7.96 -11.57 -2.11
CA ASN A 197 -8.02 -12.41 -3.34
C ASN A 197 -7.01 -13.56 -3.22
N VAL A 198 -7.35 -14.58 -2.47
CA VAL A 198 -6.39 -15.66 -2.24
C VAL A 198 -6.05 -16.39 -3.52
N PRO A 199 -7.01 -16.76 -4.35
CA PRO A 199 -6.67 -17.58 -5.52
C PRO A 199 -5.74 -16.84 -6.43
N ARG A 200 -5.93 -15.52 -6.55
CA ARG A 200 -5.02 -14.72 -7.38
C ARG A 200 -3.58 -14.80 -6.88
N VAL A 201 -3.36 -14.52 -5.57
CA VAL A 201 -2.04 -14.58 -4.97
C VAL A 201 -1.45 -15.99 -5.07
N GLU A 202 -2.26 -17.02 -4.81
CA GLU A 202 -1.76 -18.39 -4.96
C GLU A 202 -1.23 -18.65 -6.36
N ALA A 203 -1.94 -18.15 -7.37
CA ALA A 203 -1.52 -18.35 -8.77
C ALA A 203 -0.23 -17.59 -9.07
N ILE A 204 -0.10 -16.38 -8.53
CA ILE A 204 1.17 -15.67 -8.69
C ILE A 204 2.28 -16.41 -7.96
N GLN A 205 2.02 -16.82 -6.72
CA GLN A 205 3.06 -17.53 -6.00
C GLN A 205 3.49 -18.77 -6.77
N ASP A 206 2.53 -19.48 -7.33
CA ASP A 206 2.87 -20.70 -8.05
C ASP A 206 3.74 -20.41 -9.27
N THR A 207 3.43 -19.32 -9.99
CA THR A 207 4.24 -18.90 -11.14
C THR A 207 5.67 -18.57 -10.73
N ILE A 208 5.84 -17.84 -9.62
CA ILE A 208 7.19 -17.51 -9.19
C ILE A 208 7.96 -18.78 -8.85
N LEU A 209 7.29 -19.73 -8.22
CA LEU A 209 7.97 -20.95 -7.81
C LEU A 209 8.37 -21.78 -9.04
N ARG A 210 7.50 -21.88 -10.04
CA ARG A 210 7.92 -22.52 -11.28
C ARG A 210 9.10 -21.78 -11.92
N ALA A 211 9.07 -20.45 -11.94
CA ALA A 211 10.22 -19.71 -12.46
C ALA A 211 11.45 -20.02 -11.65
N LEU A 212 11.33 -19.94 -10.33
CA LEU A 212 12.46 -20.27 -9.48
C LEU A 212 13.02 -21.63 -9.81
N GLU A 213 12.13 -22.63 -9.95
CA GLU A 213 12.61 -23.99 -10.16
C GLU A 213 13.39 -24.08 -11.47
N PHE A 214 12.84 -23.50 -12.55
CA PHE A 214 13.59 -23.54 -13.79
C PHE A 214 14.87 -22.73 -13.67
N HIS A 215 14.83 -21.63 -12.91
CA HIS A 215 15.99 -20.74 -12.79
C HIS A 215 17.18 -21.49 -12.20
N LEU A 216 16.95 -22.22 -11.11
CA LEU A 216 17.99 -23.03 -10.49
C LEU A 216 18.46 -24.18 -11.36
N GLN A 217 17.61 -24.71 -12.23
CA GLN A 217 18.08 -25.76 -13.13
C GLN A 217 19.16 -25.22 -14.06
N ALA A 218 18.97 -24.01 -14.57
CA ALA A 218 20.00 -23.46 -15.43
C ALA A 218 21.21 -22.96 -14.62
N ASN A 219 20.95 -22.17 -13.58
CA ASN A 219 22.00 -21.42 -12.85
C ASN A 219 22.78 -22.31 -11.88
N HIS A 220 22.18 -23.41 -11.39
CA HIS A 220 22.87 -24.33 -10.48
C HIS A 220 22.72 -25.78 -10.95
N PRO A 221 23.23 -26.10 -12.15
CA PRO A 221 22.90 -27.41 -12.75
C PRO A 221 23.33 -28.61 -11.94
N ASP A 222 24.27 -28.45 -11.01
CA ASP A 222 24.83 -29.58 -10.27
C ASP A 222 24.34 -29.69 -8.84
N ALA A 223 23.39 -28.86 -8.43
CA ALA A 223 22.97 -28.83 -7.03
C ALA A 223 21.67 -29.61 -6.90
N GLN A 224 21.81 -30.86 -6.48
CA GLN A 224 20.66 -31.73 -6.28
C GLN A 224 19.81 -31.26 -5.11
N TYR A 225 18.51 -31.35 -5.27
CA TYR A 225 17.58 -31.07 -4.18
C TYR A 225 17.57 -29.61 -3.77
N LEU A 226 18.17 -28.71 -4.55
CA LEU A 226 18.26 -27.33 -4.13
C LEU A 226 16.89 -26.67 -4.11
N PHE A 227 16.00 -26.99 -5.10
CA PHE A 227 14.66 -26.40 -5.05
C PHE A 227 13.88 -26.88 -3.84
N PRO A 228 13.74 -28.18 -3.56
CA PRO A 228 13.03 -28.56 -2.32
C PRO A 228 13.71 -28.02 -1.07
N LYS A 229 15.01 -27.82 -1.13
CA LYS A 229 15.72 -27.26 0.02
C LYS A 229 15.26 -25.83 0.31
N LEU A 230 15.15 -25.00 -0.74
CA LEU A 230 14.61 -23.65 -0.60
C LEU A 230 13.14 -23.62 -0.15
N LEU A 231 12.30 -24.57 -0.58
CA LEU A 231 10.96 -24.61 0.00
C LEU A 231 11.00 -24.84 1.51
N GLN A 232 11.89 -25.73 1.97
CA GLN A 232 12.02 -25.90 3.39
C GLN A 232 12.52 -24.60 4.04
N LYS A 233 13.44 -23.86 3.39
CA LYS A 233 13.89 -22.62 4.02
C LYS A 233 12.71 -21.66 4.19
N MET A 234 11.83 -21.59 3.20
N MET A 234 11.80 -21.64 3.23
CA MET A 234 10.65 -20.75 3.32
CA MET A 234 10.64 -20.74 3.32
C MET A 234 9.86 -21.13 4.56
C MET A 234 9.71 -21.14 4.44
N ALA A 235 9.62 -22.43 4.76
CA ALA A 235 8.91 -22.86 5.96
C ALA A 235 9.70 -22.47 7.22
N ASP A 236 11.03 -22.69 7.18
CA ASP A 236 11.89 -22.32 8.31
C ASP A 236 11.81 -20.83 8.62
N LEU A 237 11.69 -19.98 7.58
CA LEU A 237 11.59 -18.53 7.83
C LEU A 237 10.31 -18.19 8.56
N ARG A 238 9.22 -18.94 8.34
CA ARG A 238 8.00 -18.66 9.08
C ARG A 238 8.19 -18.94 10.54
N GLN A 239 8.89 -20.03 10.85
CA GLN A 239 9.14 -20.34 12.24
C GLN A 239 10.10 -19.31 12.85
N LEU A 240 11.13 -18.89 12.11
CA LEU A 240 12.03 -17.87 12.61
C LEU A 240 11.29 -16.57 12.96
N VAL A 241 10.30 -16.18 12.15
CA VAL A 241 9.56 -14.96 12.39
C VAL A 241 8.53 -15.14 13.52
N THR A 242 7.87 -16.30 13.61
CA THR A 242 7.03 -16.57 14.77
C THR A 242 7.81 -16.35 16.09
N GLU A 243 9.01 -16.90 16.20
CA GLU A 243 9.85 -16.73 17.39
C GLU A 243 10.26 -15.27 17.58
N HIS A 244 10.66 -14.60 16.48
CA HIS A 244 10.99 -13.19 16.50
C HIS A 244 9.85 -12.36 17.06
N ALA A 245 8.63 -12.59 16.55
CA ALA A 245 7.45 -11.89 17.08
C ALA A 245 7.26 -12.16 18.55
N GLN A 246 7.43 -13.42 18.97
CA GLN A 246 7.28 -13.73 20.38
C GLN A 246 8.28 -12.93 21.22
N MET A 247 9.51 -12.87 20.77
CA MET A 247 10.56 -12.13 21.45
C MET A 247 10.27 -10.65 21.44
N MET A 248 9.73 -10.14 20.33
CA MET A 248 9.32 -8.74 20.30
C MET A 248 8.21 -8.49 21.29
N GLN A 249 7.28 -9.42 21.43
CA GLN A 249 6.24 -9.25 22.44
C GLN A 249 6.86 -9.11 23.84
N ARG A 250 7.86 -9.92 24.15
CA ARG A 250 8.48 -9.83 25.46
C ARG A 250 9.17 -8.49 25.63
N ILE A 251 9.81 -7.99 24.57
CA ILE A 251 10.49 -6.71 24.68
C ILE A 251 9.48 -5.60 24.97
N LYS A 252 8.32 -5.68 24.33
CA LYS A 252 7.28 -4.69 24.58
C LYS A 252 6.75 -4.80 26.00
N LYS A 253 6.70 -6.00 26.57
CA LYS A 253 6.13 -6.15 27.89
C LYS A 253 7.12 -5.77 28.97
N THR A 254 8.41 -6.09 28.77
CA THR A 254 9.36 -5.96 29.85
C THR A 254 10.36 -4.82 29.66
N GLU A 255 10.48 -4.27 28.46
CA GLU A 255 11.41 -3.17 28.22
C GLU A 255 10.60 -1.92 27.90
N THR A 256 9.88 -1.44 28.93
CA THR A 256 8.88 -0.42 28.68
C THR A 256 9.48 0.93 28.27
N GLU A 257 10.76 1.16 28.59
CA GLU A 257 11.52 2.35 28.22
C GLU A 257 12.02 2.33 26.77
N THR A 258 11.98 1.16 26.09
CA THR A 258 12.47 1.00 24.73
C THR A 258 11.34 1.37 23.76
N SER A 259 11.62 2.27 22.84
CA SER A 259 10.53 2.67 21.98
C SER A 259 10.57 1.82 20.71
N LEU A 260 9.40 1.61 20.13
CA LEU A 260 9.26 0.78 18.96
C LEU A 260 8.66 1.64 17.87
N HIS A 261 9.31 1.63 16.72
CA HIS A 261 8.85 2.35 15.55
C HIS A 261 7.38 2.03 15.28
N PRO A 262 6.57 3.04 14.99
CA PRO A 262 5.11 2.81 14.87
C PRO A 262 4.74 1.90 13.70
N LEU A 263 5.52 1.95 12.61
CA LEU A 263 5.28 1.06 11.46
C LEU A 263 5.48 -0.40 11.86
N LEU A 264 6.53 -0.67 12.65
CA LEU A 264 6.70 -2.01 13.15
C LEU A 264 5.57 -2.39 14.11
N GLN A 265 5.11 -1.43 14.92
CA GLN A 265 3.94 -1.66 15.78
C GLN A 265 2.74 -2.11 14.93
N GLU A 266 2.47 -1.42 13.81
CA GLU A 266 1.39 -1.84 12.91
C GLU A 266 1.59 -3.25 12.40
N ILE A 267 2.83 -3.61 12.05
CA ILE A 267 3.11 -4.96 11.57
C ILE A 267 2.77 -6.00 12.65
N TYR A 268 3.21 -5.77 13.90
CA TYR A 268 2.95 -6.72 14.98
C TYR A 268 1.53 -6.61 15.55
N LYS A 269 0.73 -5.65 15.07
CA LYS A 269 -0.49 -5.19 15.73
C LYS A 269 -1.35 -6.34 16.22
N ASP A 270 -1.47 -7.40 15.43
CA ASP A 270 -2.12 -8.62 15.89
C ASP A 270 -1.30 -9.33 16.95
N ALA B 4 6.41 25.39 -1.57
CA ALA B 4 5.52 24.72 -2.52
C ALA B 4 4.73 25.73 -3.35
N ASP B 5 4.90 25.69 -4.67
CA ASP B 5 4.17 26.56 -5.58
C ASP B 5 2.75 26.02 -5.76
N LEU B 6 1.76 26.72 -5.20
CA LEU B 6 0.40 26.20 -5.19
C LEU B 6 -0.17 26.09 -6.60
N LYS B 7 0.08 27.10 -7.45
CA LYS B 7 -0.33 27.00 -8.85
C LYS B 7 0.15 25.70 -9.49
N ALA B 8 1.44 25.37 -9.32
CA ALA B 8 1.96 24.18 -9.97
C ALA B 8 1.42 22.92 -9.32
N PHE B 9 1.28 22.94 -7.99
CA PHE B 9 0.58 21.88 -7.27
C PHE B 9 -0.83 21.63 -7.82
N SER B 10 -1.66 22.67 -7.91
CA SER B 10 -3.01 22.46 -8.41
C SER B 10 -2.98 21.86 -9.81
N LYS B 11 -2.08 22.36 -10.66
CA LYS B 11 -2.00 21.91 -12.05
C LYS B 11 -1.64 20.45 -12.11
N HIS B 12 -0.72 20.00 -11.25
CA HIS B 12 -0.38 18.57 -11.18
C HIS B 12 -1.60 17.74 -10.77
N ILE B 13 -2.34 18.18 -9.74
CA ILE B 13 -3.55 17.47 -9.33
C ILE B 13 -4.58 17.45 -10.46
N TYR B 14 -4.68 18.54 -11.21
CA TYR B 14 -5.67 18.58 -12.29
C TYR B 14 -5.33 17.56 -13.39
N ASN B 15 -4.05 17.51 -13.77
CA ASN B 15 -3.60 16.57 -14.77
C ASN B 15 -3.77 15.12 -14.33
N ALA B 16 -3.41 14.82 -13.08
CA ALA B 16 -3.61 13.49 -12.52
C ALA B 16 -5.07 13.09 -12.55
N TYR B 17 -5.95 14.05 -12.30
CA TYR B 17 -7.39 13.80 -12.34
C TYR B 17 -7.85 13.52 -13.77
N LEU B 18 -7.31 14.28 -14.73
CA LEU B 18 -7.67 14.08 -16.13
C LEU B 18 -7.13 12.75 -16.64
N LYS B 19 -5.98 12.32 -16.14
CA LYS B 19 -5.34 11.09 -16.58
C LYS B 19 -6.02 9.85 -16.02
N ASN B 20 -6.79 9.97 -14.93
CA ASN B 20 -7.28 8.80 -14.23
C ASN B 20 -8.79 8.64 -14.18
N PHE B 21 -9.59 9.66 -14.46
CA PHE B 21 -11.03 9.49 -14.51
C PHE B 21 -11.45 9.55 -15.98
N ASN B 22 -12.17 8.52 -16.46
CA ASN B 22 -12.54 8.52 -17.88
C ASN B 22 -13.64 9.55 -18.14
N MET B 23 -14.61 9.64 -17.24
CA MET B 23 -15.71 10.59 -17.35
C MET B 23 -15.39 11.84 -16.51
N THR B 24 -15.27 12.99 -17.18
CA THR B 24 -15.15 14.27 -16.51
C THR B 24 -16.51 14.95 -16.42
N LYS B 25 -16.57 15.97 -15.58
CA LYS B 25 -17.79 16.78 -15.53
C LYS B 25 -17.99 17.51 -16.85
N LYS B 26 -16.90 17.98 -17.49
CA LYS B 26 -17.03 18.58 -18.82
C LYS B 26 -17.71 17.62 -19.80
N LYS B 27 -17.23 16.39 -19.89
CA LYS B 27 -17.83 15.44 -20.83
C LYS B 27 -19.28 15.14 -20.44
N ALA B 28 -19.50 14.79 -19.18
CA ALA B 28 -20.84 14.52 -18.65
C ALA B 28 -21.82 15.63 -18.99
N ARG B 29 -21.46 16.89 -18.73
CA ARG B 29 -22.43 17.96 -18.97
C ARG B 29 -22.75 18.10 -20.46
N SER B 30 -21.77 17.88 -21.34
CA SER B 30 -22.00 17.95 -22.77
C SER B 30 -22.84 16.78 -23.27
N ILE B 31 -22.85 15.65 -22.55
CA ILE B 31 -23.84 14.61 -22.82
C ILE B 31 -25.20 15.02 -22.30
N LEU B 32 -25.26 15.45 -21.05
CA LEU B 32 -26.55 15.70 -20.42
C LEU B 32 -27.26 16.91 -21.00
N THR B 33 -26.53 17.82 -21.67
CA THR B 33 -27.14 18.96 -22.36
C THR B 33 -27.44 18.60 -23.82
N GLY B 34 -26.38 18.36 -24.61
CA GLY B 34 -26.53 18.03 -26.02
C GLY B 34 -25.53 18.67 -26.97
N ALA B 40 -27.59 10.71 -28.36
CA ALA B 40 -28.00 10.88 -26.96
C ALA B 40 -27.92 9.56 -26.22
N PRO B 41 -27.95 9.62 -24.89
CA PRO B 41 -28.00 8.38 -24.09
C PRO B 41 -29.38 7.76 -24.16
N PHE B 42 -29.40 6.41 -24.22
CA PHE B 42 -30.63 5.64 -24.10
C PHE B 42 -31.20 5.82 -22.71
N VAL B 43 -32.49 6.13 -22.59
CA VAL B 43 -33.09 6.36 -21.29
C VAL B 43 -33.62 5.05 -20.71
N ILE B 44 -33.12 4.70 -19.52
CA ILE B 44 -33.58 3.53 -18.77
C ILE B 44 -34.49 4.05 -17.69
N HIS B 45 -35.73 3.64 -17.73
CA HIS B 45 -36.71 4.14 -16.80
C HIS B 45 -37.70 3.07 -16.34
N ASP B 46 -37.52 1.82 -16.74
CA ASP B 46 -38.38 0.72 -16.30
C ASP B 46 -37.68 -0.59 -16.66
N ILE B 47 -38.36 -1.71 -16.39
CA ILE B 47 -37.74 -3.01 -16.63
C ILE B 47 -37.45 -3.22 -18.11
N GLU B 48 -38.37 -2.84 -18.99
CA GLU B 48 -38.18 -3.13 -20.42
C GLU B 48 -36.95 -2.41 -20.95
N THR B 49 -36.86 -1.10 -20.70
CA THR B 49 -35.70 -0.35 -21.18
C THR B 49 -34.43 -0.81 -20.46
N LEU B 50 -34.53 -1.21 -19.20
CA LEU B 50 -33.38 -1.83 -18.57
C LEU B 50 -32.97 -3.05 -19.38
N TRP B 51 -33.93 -3.92 -19.71
CA TRP B 51 -33.54 -5.11 -20.43
C TRP B 51 -32.99 -4.76 -21.81
N GLN B 52 -33.60 -3.79 -22.51
CA GLN B 52 -33.06 -3.36 -23.81
C GLN B 52 -31.65 -2.79 -23.67
N ALA B 53 -31.41 -2.04 -22.57
CA ALA B 53 -30.09 -1.48 -22.32
C ALA B 53 -29.07 -2.59 -22.03
N GLU B 54 -29.47 -3.63 -21.29
CA GLU B 54 -28.56 -4.74 -21.06
C GLU B 54 -28.37 -5.58 -22.32
N LYS B 55 -29.30 -5.49 -23.26
CA LYS B 55 -29.23 -6.38 -24.41
C LYS B 55 -28.35 -5.81 -25.51
N GLY B 56 -28.00 -4.54 -25.43
CA GLY B 56 -26.98 -4.05 -26.32
C GLY B 56 -27.03 -2.55 -26.45
N LEU B 57 -28.23 -1.97 -26.42
CA LEU B 57 -28.34 -0.52 -26.54
C LEU B 57 -27.40 0.23 -25.60
N VAL B 58 -26.97 -0.41 -24.52
CA VAL B 58 -26.05 0.21 -23.58
C VAL B 58 -24.91 -0.79 -23.33
N TRP B 59 -25.25 -1.93 -22.73
CA TRP B 59 -24.23 -2.96 -22.46
C TRP B 59 -24.09 -4.02 -23.57
N LEU B 62 -20.44 -7.57 -19.06
CA LEU B 62 -20.27 -7.70 -17.62
C LEU B 62 -21.36 -8.58 -16.99
N VAL B 63 -22.51 -8.78 -17.65
CA VAL B 63 -23.67 -9.38 -16.98
C VAL B 63 -23.35 -10.80 -16.51
N ASN B 64 -22.83 -11.64 -17.42
CA ASN B 64 -22.31 -12.93 -16.98
C ASN B 64 -21.36 -12.76 -15.81
N GLY B 65 -20.62 -11.65 -15.77
CA GLY B 65 -19.71 -11.31 -14.70
C GLY B 65 -20.39 -10.79 -13.45
N LEU B 66 -21.41 -9.95 -13.60
CA LEU B 66 -22.24 -9.59 -12.46
C LEU B 66 -22.57 -10.86 -11.70
N PRO B 67 -22.72 -10.79 -10.38
CA PRO B 67 -23.18 -11.96 -9.63
C PRO B 67 -24.38 -12.58 -10.33
N PRO B 68 -24.63 -13.87 -10.14
CA PRO B 68 -25.78 -14.51 -10.79
C PRO B 68 -27.03 -13.66 -10.68
N TYR B 69 -27.94 -13.75 -11.64
CA TYR B 69 -29.12 -12.89 -11.59
C TYR B 69 -29.93 -13.22 -10.35
N LYS B 70 -30.70 -12.23 -9.86
CA LYS B 70 -31.62 -12.52 -8.75
C LYS B 70 -32.98 -11.85 -8.95
N GLU B 71 -33.02 -10.56 -9.32
CA GLU B 71 -34.24 -9.75 -9.43
C GLU B 71 -33.82 -8.31 -9.75
N ILE B 72 -34.78 -7.48 -10.16
CA ILE B 72 -34.41 -6.20 -10.76
C ILE B 72 -33.80 -5.22 -9.73
N SER B 73 -34.34 -5.15 -8.53
CA SER B 73 -33.74 -4.26 -7.53
C SER B 73 -32.29 -4.66 -7.23
N VAL B 74 -32.05 -5.96 -7.05
CA VAL B 74 -30.71 -6.47 -6.77
C VAL B 74 -29.81 -6.31 -8.00
N HIS B 75 -30.38 -6.46 -9.19
CA HIS B 75 -29.58 -6.28 -10.40
C HIS B 75 -29.04 -4.87 -10.48
N VAL B 76 -29.90 -3.85 -10.26
CA VAL B 76 -29.45 -2.47 -10.28
C VAL B 76 -28.39 -2.25 -9.20
N PHE B 77 -28.59 -2.85 -8.04
CA PHE B 77 -27.61 -2.70 -6.97
C PHE B 77 -26.25 -3.26 -7.39
N TYR B 78 -26.25 -4.38 -8.11
CA TYR B 78 -24.99 -4.94 -8.58
C TYR B 78 -24.28 -4.00 -9.52
N ARG B 79 -25.02 -3.40 -10.45
CA ARG B 79 -24.42 -2.37 -11.30
C ARG B 79 -23.92 -1.17 -10.49
N CYS B 80 -24.62 -0.80 -9.42
CA CYS B 80 -24.08 0.29 -8.58
C CYS B 80 -22.76 -0.14 -7.97
N GLN B 81 -22.70 -1.37 -7.51
CA GLN B 81 -21.51 -1.94 -6.88
C GLN B 81 -20.35 -2.05 -7.88
N CYS B 82 -20.65 -2.46 -9.12
CA CYS B 82 -19.61 -2.52 -10.15
CA CYS B 82 -19.62 -2.54 -10.16
C CYS B 82 -18.98 -1.17 -10.41
N THR B 83 -19.79 -0.14 -10.59
CA THR B 83 -19.25 1.19 -10.83
C THR B 83 -18.52 1.74 -9.61
N THR B 84 -18.97 1.43 -8.40
N THR B 84 -18.99 1.42 -8.41
N THR B 84 -18.99 1.42 -8.41
CA THR B 84 -18.25 1.90 -7.23
CA THR B 84 -18.27 1.88 -7.22
CA THR B 84 -18.27 1.88 -7.23
C THR B 84 -16.85 1.31 -7.19
C THR B 84 -16.86 1.30 -7.20
C THR B 84 -16.87 1.30 -7.19
N VAL B 85 -16.75 -0.01 -7.41
CA VAL B 85 -15.44 -0.67 -7.40
C VAL B 85 -14.57 -0.12 -8.52
N GLU B 86 -15.12 0.01 -9.75
CA GLU B 86 -14.41 0.73 -10.80
C GLU B 86 -13.91 2.10 -10.32
N THR B 87 -14.75 2.85 -9.61
CA THR B 87 -14.31 4.19 -9.24
C THR B 87 -13.26 4.11 -8.12
N VAL B 88 -13.35 3.11 -7.25
CA VAL B 88 -12.28 2.94 -6.27
C VAL B 88 -10.96 2.72 -6.98
N ARG B 89 -10.97 1.98 -8.09
CA ARG B 89 -9.70 1.79 -8.81
C ARG B 89 -9.15 3.11 -9.34
N GLU B 90 -10.00 3.92 -9.96
CA GLU B 90 -9.55 5.20 -10.50
C GLU B 90 -9.01 6.09 -9.39
N LEU B 91 -9.73 6.18 -8.27
CA LEU B 91 -9.31 7.01 -7.13
C LEU B 91 -7.99 6.52 -6.56
N THR B 92 -7.75 5.21 -6.56
CA THR B 92 -6.45 4.72 -6.11
C THR B 92 -5.33 5.19 -7.03
N GLU B 93 -5.53 5.10 -8.35
CA GLU B 93 -4.48 5.55 -9.26
C GLU B 93 -4.33 7.07 -9.23
N PHE B 94 -5.43 7.79 -9.05
CA PHE B 94 -5.38 9.24 -8.91
C PHE B 94 -4.58 9.66 -7.66
N ALA B 95 -4.89 9.06 -6.49
CA ALA B 95 -4.14 9.36 -5.27
C ALA B 95 -2.67 9.07 -5.43
N LYS B 96 -2.35 7.90 -5.97
CA LYS B 96 -0.96 7.50 -6.19
C LYS B 96 -0.25 8.49 -7.12
N SER B 97 -1.00 9.11 -8.05
CA SER B 97 -0.43 10.14 -8.92
C SER B 97 -0.18 11.45 -8.19
N ILE B 98 -0.42 11.52 -6.88
CA ILE B 98 -0.08 12.68 -6.06
C ILE B 98 1.19 12.34 -5.28
N PRO B 99 2.34 12.94 -5.59
CA PRO B 99 3.62 12.47 -4.99
C PRO B 99 3.62 12.39 -3.48
N SER B 100 3.04 13.38 -2.78
CA SER B 100 3.00 13.32 -1.32
C SER B 100 2.12 12.18 -0.82
N PHE B 101 1.09 11.78 -1.58
CA PHE B 101 0.35 10.57 -1.23
C PHE B 101 1.23 9.33 -1.36
N SER B 102 1.91 9.17 -2.51
CA SER B 102 2.75 8.00 -2.75
C SER B 102 3.92 7.89 -1.78
N SER B 103 4.28 8.97 -1.09
CA SER B 103 5.35 8.94 -0.11
C SER B 103 4.92 8.48 1.26
N LEU B 104 3.62 8.38 1.53
CA LEU B 104 3.15 7.77 2.75
C LEU B 104 3.43 6.29 2.72
N PHE B 105 3.52 5.69 3.90
CA PHE B 105 3.63 4.25 3.90
C PHE B 105 2.36 3.65 3.33
N LEU B 106 2.52 2.49 2.72
CA LEU B 106 1.42 1.89 2.01
C LEU B 106 0.21 1.68 2.90
N ASN B 107 0.44 1.41 4.19
CA ASN B 107 -0.69 1.17 5.10
C ASN B 107 -1.51 2.42 5.32
N ASP B 108 -0.86 3.57 5.44
CA ASP B 108 -1.60 4.82 5.48
C ASP B 108 -2.28 5.10 4.16
N GLN B 109 -1.68 4.67 3.05
CA GLN B 109 -2.42 4.85 1.79
C GLN B 109 -3.73 4.10 1.84
N VAL B 110 -3.71 2.87 2.36
CA VAL B 110 -4.93 2.05 2.41
C VAL B 110 -5.93 2.64 3.40
N THR B 111 -5.45 3.17 4.51
CA THR B 111 -6.36 3.76 5.49
C THR B 111 -7.05 4.97 4.90
N LEU B 112 -6.31 5.80 4.16
CA LEU B 112 -6.95 6.97 3.58
C LEU B 112 -7.97 6.57 2.51
N LEU B 113 -7.61 5.62 1.63
CA LEU B 113 -8.57 5.19 0.61
C LEU B 113 -9.78 4.51 1.25
N LYS B 114 -9.54 3.59 2.19
CA LYS B 114 -10.65 2.94 2.88
C LYS B 114 -11.70 3.94 3.36
N TYR B 115 -11.27 5.02 4.02
CA TYR B 115 -12.24 5.89 4.66
C TYR B 115 -12.60 7.09 3.79
N GLY B 116 -11.92 7.27 2.65
CA GLY B 116 -12.20 8.43 1.80
C GLY B 116 -12.92 8.16 0.48
N VAL B 117 -12.96 6.91 -0.01
CA VAL B 117 -13.40 6.75 -1.40
C VAL B 117 -14.88 7.00 -1.54
N HIS B 118 -15.68 6.52 -0.62
CA HIS B 118 -17.09 6.81 -0.82
C HIS B 118 -17.36 8.29 -0.73
N GLU B 119 -16.72 9.04 0.18
CA GLU B 119 -16.97 10.49 0.14
C GLU B 119 -16.57 11.09 -1.21
N ALA B 120 -15.44 10.66 -1.77
CA ALA B 120 -15.06 11.16 -3.08
C ALA B 120 -16.06 10.71 -4.14
N ILE B 121 -16.43 9.44 -4.10
CA ILE B 121 -17.35 8.94 -5.11
C ILE B 121 -18.67 9.72 -5.07
N PHE B 122 -19.24 9.93 -3.86
CA PHE B 122 -20.53 10.65 -3.81
C PHE B 122 -20.35 12.10 -4.21
N ALA B 123 -19.14 12.64 -4.09
CA ALA B 123 -18.89 14.00 -4.57
C ALA B 123 -18.80 14.03 -6.08
N MET B 124 -18.04 13.09 -6.66
CA MET B 124 -17.88 13.05 -8.12
C MET B 124 -19.17 12.63 -8.80
N LEU B 125 -20.05 11.97 -8.06
CA LEU B 125 -21.32 11.50 -8.58
C LEU B 125 -22.13 12.66 -9.13
N ALA B 126 -22.04 13.83 -8.48
CA ALA B 126 -22.78 15.00 -8.97
C ALA B 126 -22.44 15.38 -10.41
N SER B 127 -21.23 15.05 -10.87
CA SER B 127 -20.79 15.42 -12.22
C SER B 127 -21.60 14.72 -13.31
N ILE B 128 -22.15 13.54 -13.01
CA ILE B 128 -22.94 12.78 -13.98
C ILE B 128 -24.43 12.79 -13.63
N VAL B 129 -24.85 13.65 -12.70
CA VAL B 129 -26.20 13.69 -12.21
C VAL B 129 -26.90 14.95 -12.68
N ASN B 130 -28.21 14.87 -12.92
CA ASN B 130 -29.06 16.06 -12.81
C ASN B 130 -30.29 15.68 -11.99
N LYS B 131 -31.23 16.61 -11.88
CA LYS B 131 -32.38 16.33 -11.02
C LYS B 131 -33.22 15.18 -11.55
N ASP B 132 -32.93 14.66 -12.75
CA ASP B 132 -33.80 13.66 -13.34
C ASP B 132 -33.18 12.29 -13.46
N GLY B 133 -31.91 12.14 -13.16
CA GLY B 133 -31.27 10.84 -13.31
C GLY B 133 -29.78 11.00 -13.47
N LEU B 134 -29.16 9.94 -13.95
CA LEU B 134 -27.71 9.99 -14.05
C LEU B 134 -27.24 9.18 -15.25
N LEU B 135 -26.06 9.56 -15.73
CA LEU B 135 -25.41 8.80 -16.80
C LEU B 135 -24.90 7.49 -16.25
N VAL B 136 -25.01 6.43 -17.05
CA VAL B 136 -24.41 5.13 -16.78
C VAL B 136 -23.74 4.65 -18.06
N ALA B 137 -22.90 3.64 -17.93
CA ALA B 137 -22.23 3.02 -19.06
C ALA B 137 -21.52 4.06 -19.92
N ASN B 138 -20.61 4.78 -19.28
CA ASN B 138 -19.71 5.67 -19.99
C ASN B 138 -20.45 6.76 -20.76
N GLY B 139 -21.65 7.17 -20.30
CA GLY B 139 -22.41 8.20 -20.98
C GLY B 139 -23.42 7.70 -22.00
N SER B 140 -23.41 6.40 -22.32
CA SER B 140 -24.34 5.90 -23.33
C SER B 140 -25.72 5.57 -22.76
N GLY B 141 -25.86 5.47 -21.45
CA GLY B 141 -27.17 5.28 -20.84
C GLY B 141 -27.51 6.45 -19.92
N PHE B 142 -28.79 6.68 -19.69
CA PHE B 142 -29.26 7.64 -18.69
C PHE B 142 -30.38 6.96 -17.92
N VAL B 143 -30.21 6.81 -16.61
CA VAL B 143 -31.15 6.08 -15.77
C VAL B 143 -31.92 7.09 -14.96
N THR B 144 -33.26 7.00 -14.99
CA THR B 144 -34.02 8.07 -14.40
C THR B 144 -34.04 7.92 -12.88
N ARG B 145 -33.97 9.06 -12.20
CA ARG B 145 -34.08 9.07 -10.75
C ARG B 145 -35.38 8.42 -10.31
N GLU B 146 -36.46 8.64 -11.07
CA GLU B 146 -37.79 8.10 -10.75
C GLU B 146 -37.81 6.57 -10.81
N PHE B 147 -37.23 5.99 -11.87
CA PHE B 147 -36.98 4.55 -11.87
C PHE B 147 -36.29 4.11 -10.59
N LEU B 148 -35.11 4.65 -10.30
CA LEU B 148 -34.37 4.14 -9.15
C LEU B 148 -35.18 4.28 -7.86
N ARG B 149 -36.05 5.31 -7.78
CA ARG B 149 -36.91 5.45 -6.61
C ARG B 149 -37.90 4.30 -6.51
N SER B 150 -38.24 3.69 -7.65
CA SER B 150 -39.24 2.64 -7.77
C SER B 150 -38.71 1.27 -7.36
N LEU B 151 -37.42 1.14 -7.02
CA LEU B 151 -36.95 -0.15 -6.58
C LEU B 151 -37.48 -0.46 -5.19
N ARG B 152 -37.51 -1.73 -4.83
CA ARG B 152 -38.09 -2.06 -3.55
C ARG B 152 -37.09 -1.76 -2.45
N LYS B 153 -37.62 -1.47 -1.27
CA LYS B 153 -36.72 -1.21 -0.17
C LYS B 153 -36.01 -2.53 0.10
N PRO B 154 -34.75 -2.45 0.56
CA PRO B 154 -33.99 -1.25 0.96
C PRO B 154 -33.16 -0.59 -0.13
N PHE B 155 -33.36 -1.03 -1.38
CA PHE B 155 -32.48 -0.59 -2.45
C PHE B 155 -32.80 0.84 -2.89
N SER B 156 -34.09 1.19 -2.95
CA SER B 156 -34.48 2.56 -3.25
C SER B 156 -33.90 3.53 -2.23
N ASP B 157 -33.94 3.17 -0.94
CA ASP B 157 -33.59 4.11 0.11
C ASP B 157 -32.12 4.52 0.08
N ILE B 158 -31.24 3.58 -0.32
CA ILE B 158 -29.80 3.84 -0.37
C ILE B 158 -29.44 4.78 -1.52
N ILE B 159 -30.33 4.97 -2.47
CA ILE B 159 -30.02 5.73 -3.67
C ILE B 159 -30.42 7.21 -3.55
N GLU B 160 -31.60 7.50 -3.07
CA GLU B 160 -32.10 8.88 -3.26
C GLU B 160 -31.36 9.96 -2.47
N PRO B 161 -30.80 9.67 -1.30
CA PRO B 161 -30.03 10.70 -0.57
C PRO B 161 -28.84 11.25 -1.34
N LYS B 162 -28.25 10.44 -2.22
CA LYS B 162 -27.14 10.88 -3.05
C LYS B 162 -27.57 11.92 -4.07
N PHE B 163 -28.78 11.75 -4.62
CA PHE B 163 -29.31 12.72 -5.57
C PHE B 163 -29.51 14.06 -4.89
N GLU B 164 -30.09 14.05 -3.69
CA GLU B 164 -30.33 15.29 -2.94
C GLU B 164 -29.02 16.06 -2.76
N PHE B 165 -27.98 15.39 -2.26
CA PHE B 165 -26.66 16.03 -2.11
C PHE B 165 -26.14 16.50 -3.47
N ALA B 166 -26.34 15.70 -4.51
CA ALA B 166 -25.74 15.99 -5.81
C ALA B 166 -26.33 17.26 -6.42
N VAL B 167 -27.67 17.39 -6.39
CA VAL B 167 -28.30 18.59 -6.95
C VAL B 167 -27.81 19.83 -6.22
N LYS B 168 -27.76 19.77 -4.90
CA LYS B 168 -27.23 20.89 -4.13
C LYS B 168 -25.76 21.13 -4.45
N PHE B 169 -24.97 20.07 -4.53
CA PHE B 169 -23.57 20.24 -4.84
C PHE B 169 -23.40 20.92 -6.19
N ASN B 170 -24.18 20.50 -7.20
CA ASN B 170 -24.06 21.02 -8.55
C ASN B 170 -24.42 22.49 -8.64
N ALA B 171 -25.18 23.00 -7.68
CA ALA B 171 -25.50 24.42 -7.67
C ALA B 171 -24.26 25.29 -7.39
N LEU B 172 -23.18 24.70 -6.88
CA LEU B 172 -21.95 25.48 -6.68
C LEU B 172 -21.17 25.68 -7.99
N GLU B 173 -21.42 24.84 -9.01
CA GLU B 173 -20.87 25.03 -10.36
C GLU B 173 -19.35 24.86 -10.40
N LEU B 174 -18.82 23.82 -9.76
CA LEU B 174 -17.39 23.53 -9.89
C LEU B 174 -17.09 22.99 -11.28
N ASP B 175 -15.96 23.35 -11.85
CA ASP B 175 -15.49 22.61 -13.03
C ASP B 175 -14.51 21.55 -12.55
N ASP B 176 -13.94 20.82 -13.51
CA ASP B 176 -13.08 19.69 -13.16
C ASP B 176 -11.79 20.15 -12.45
N SER B 177 -11.28 21.34 -12.79
CA SER B 177 -10.07 21.82 -12.14
C SER B 177 -10.33 22.02 -10.65
N ASP B 178 -11.56 22.43 -10.28
CA ASP B 178 -11.92 22.58 -8.88
C ASP B 178 -12.06 21.23 -8.20
N LEU B 179 -12.77 20.32 -8.88
CA LEU B 179 -13.05 19.01 -8.31
C LEU B 179 -11.78 18.24 -8.04
N ALA B 180 -10.76 18.41 -8.89
CA ALA B 180 -9.56 17.62 -8.72
C ALA B 180 -8.97 17.90 -7.34
N LEU B 181 -8.97 19.19 -6.95
CA LEU B 181 -8.45 19.60 -5.65
C LEU B 181 -9.38 19.19 -4.51
N PHE B 182 -10.69 19.27 -4.75
CA PHE B 182 -11.65 18.94 -3.72
C PHE B 182 -11.56 17.46 -3.39
N ILE B 183 -11.43 16.63 -4.42
CA ILE B 183 -11.30 15.19 -4.21
C ILE B 183 -9.95 14.85 -3.56
N ALA B 184 -8.90 15.52 -3.99
CA ALA B 184 -7.62 15.34 -3.29
C ALA B 184 -7.76 15.65 -1.82
N ALA B 185 -8.47 16.75 -1.49
CA ALA B 185 -8.63 17.14 -0.09
C ALA B 185 -9.43 16.11 0.70
N ILE B 186 -10.44 15.50 0.07
CA ILE B 186 -11.21 14.44 0.73
C ILE B 186 -10.36 13.23 1.03
N ILE B 187 -9.49 12.83 0.09
CA ILE B 187 -8.69 11.61 0.25
C ILE B 187 -7.59 11.82 1.29
N LEU B 188 -6.89 12.96 1.19
CA LEU B 188 -5.78 13.28 2.11
C LEU B 188 -6.34 13.96 3.37
N CYS B 189 -7.01 13.16 4.18
CA CYS B 189 -7.77 13.70 5.30
C CYS B 189 -7.15 13.18 6.57
N GLY B 190 -6.76 14.08 7.46
CA GLY B 190 -5.95 13.59 8.57
C GLY B 190 -6.72 13.00 9.72
N ASP B 191 -8.04 13.03 9.66
CA ASP B 191 -8.96 12.54 10.69
C ASP B 191 -9.29 11.05 10.56
N ARG B 192 -8.82 10.37 9.52
CA ARG B 192 -9.28 8.97 9.33
C ARG B 192 -8.81 8.08 10.48
N PRO B 193 -9.61 7.12 10.91
CA PRO B 193 -9.24 6.26 12.03
C PRO B 193 -8.06 5.35 11.71
N GLY B 194 -7.15 5.22 12.67
CA GLY B 194 -6.04 4.30 12.56
C GLY B 194 -4.89 4.82 11.74
N LEU B 195 -4.96 6.05 11.25
CA LEU B 195 -3.83 6.63 10.54
C LEU B 195 -2.59 6.56 11.38
N MET B 196 -1.48 6.17 10.74
CA MET B 196 -0.21 6.13 11.46
C MET B 196 0.45 7.52 11.52
N ASN B 197 0.72 8.13 10.38
CA ASN B 197 1.41 9.44 10.39
C ASN B 197 0.41 10.58 10.20
N VAL B 198 -0.31 10.89 11.29
CA VAL B 198 -1.33 11.96 11.25
C VAL B 198 -0.71 13.33 10.91
N PRO B 199 0.33 13.79 11.60
CA PRO B 199 0.87 15.12 11.26
C PRO B 199 1.27 15.25 9.79
N ARG B 200 1.83 14.21 9.19
CA ARG B 200 2.17 14.26 7.76
C ARG B 200 0.91 14.41 6.89
N VAL B 201 -0.13 13.60 7.14
CA VAL B 201 -1.36 13.71 6.35
C VAL B 201 -2.03 15.08 6.61
N GLU B 202 -2.04 15.54 7.87
CA GLU B 202 -2.62 16.85 8.14
C GLU B 202 -1.90 17.95 7.37
N ALA B 203 -0.55 17.88 7.30
CA ALA B 203 0.18 18.89 6.54
C ALA B 203 -0.09 18.79 5.04
N ILE B 204 -0.17 17.58 4.49
CA ILE B 204 -0.55 17.50 3.08
C ILE B 204 -1.96 18.07 2.88
N GLN B 205 -2.89 17.72 3.76
CA GLN B 205 -4.25 18.20 3.60
C GLN B 205 -4.27 19.71 3.60
N ASP B 206 -3.52 20.30 4.51
CA ASP B 206 -3.47 21.74 4.60
C ASP B 206 -2.94 22.39 3.30
N THR B 207 -1.87 21.85 2.73
CA THR B 207 -1.39 22.35 1.44
C THR B 207 -2.49 22.31 0.38
N ILE B 208 -3.22 21.18 0.31
CA ILE B 208 -4.30 21.04 -0.69
C ILE B 208 -5.41 22.08 -0.44
N LEU B 209 -5.82 22.24 0.83
CA LEU B 209 -6.82 23.27 1.12
C LEU B 209 -6.31 24.67 0.76
N ARG B 210 -5.04 24.98 1.06
CA ARG B 210 -4.49 26.26 0.61
C ARG B 210 -4.55 26.41 -0.90
N ALA B 211 -4.22 25.33 -1.62
CA ALA B 211 -4.23 25.39 -3.07
C ALA B 211 -5.63 25.58 -3.59
N LEU B 212 -6.56 24.84 -2.99
CA LEU B 212 -7.96 24.96 -3.32
C LEU B 212 -8.41 26.39 -3.17
N GLU B 213 -8.14 27.02 -2.02
CA GLU B 213 -8.55 28.40 -1.87
C GLU B 213 -7.92 29.28 -2.94
N PHE B 214 -6.60 29.14 -3.14
CA PHE B 214 -5.90 29.91 -4.16
C PHE B 214 -6.54 29.66 -5.52
N HIS B 215 -6.94 28.42 -5.79
CA HIS B 215 -7.52 28.10 -7.09
C HIS B 215 -8.88 28.79 -7.29
N LEU B 216 -9.73 28.76 -6.28
CA LEU B 216 -11.06 29.36 -6.41
C LEU B 216 -11.00 30.87 -6.51
N GLN B 217 -9.96 31.50 -5.94
CA GLN B 217 -9.84 32.93 -6.13
C GLN B 217 -9.64 33.26 -7.60
N ALA B 218 -8.83 32.47 -8.29
CA ALA B 218 -8.62 32.70 -9.71
C ALA B 218 -9.75 32.12 -10.58
N ASN B 219 -10.26 30.94 -10.23
CA ASN B 219 -11.22 30.33 -11.14
C ASN B 219 -12.62 30.87 -10.96
N HIS B 220 -13.00 31.30 -9.75
CA HIS B 220 -14.32 31.90 -9.52
C HIS B 220 -14.15 33.21 -8.77
N PRO B 221 -13.65 34.26 -9.42
CA PRO B 221 -13.34 35.50 -8.69
C PRO B 221 -14.57 36.15 -8.06
N ASP B 222 -15.77 35.87 -8.58
CA ASP B 222 -17.00 36.52 -8.12
C ASP B 222 -17.84 35.66 -7.17
N ALA B 223 -17.51 34.38 -7.00
CA ALA B 223 -18.25 33.53 -6.06
C ALA B 223 -17.95 33.94 -4.63
N GLN B 224 -18.99 34.26 -3.88
CA GLN B 224 -18.85 34.72 -2.50
C GLN B 224 -18.97 33.53 -1.57
N TYR B 225 -17.92 33.27 -0.80
CA TYR B 225 -17.93 32.27 0.24
C TYR B 225 -17.80 30.86 -0.30
N LEU B 226 -17.35 30.72 -1.56
CA LEU B 226 -17.31 29.39 -2.17
C LEU B 226 -16.38 28.45 -1.40
N PHE B 227 -15.26 28.98 -0.86
CA PHE B 227 -14.31 28.10 -0.16
C PHE B 227 -14.92 27.59 1.15
N PRO B 228 -15.45 28.42 2.03
CA PRO B 228 -16.06 27.87 3.24
C PRO B 228 -17.29 27.05 2.94
N LYS B 229 -18.00 27.34 1.85
CA LYS B 229 -19.07 26.47 1.43
C LYS B 229 -18.58 25.05 1.14
N LEU B 230 -17.45 24.92 0.43
CA LEU B 230 -16.88 23.60 0.15
C LEU B 230 -16.36 22.88 1.38
N LEU B 231 -15.85 23.61 2.38
CA LEU B 231 -15.41 22.95 3.59
C LEU B 231 -16.59 22.29 4.29
N GLN B 232 -17.72 22.99 4.30
CA GLN B 232 -18.94 22.42 4.86
C GLN B 232 -19.41 21.21 4.03
N LYS B 233 -19.31 21.25 2.69
CA LYS B 233 -19.69 20.07 1.91
C LYS B 233 -18.81 18.90 2.28
N MET B 234 -17.55 19.16 2.65
CA MET B 234 -16.69 18.09 3.13
C MET B 234 -17.24 17.50 4.42
N ALA B 235 -17.75 18.34 5.33
CA ALA B 235 -18.40 17.80 6.52
C ALA B 235 -19.66 17.02 6.17
N ASP B 236 -20.50 17.57 5.27
CA ASP B 236 -21.73 16.89 4.84
C ASP B 236 -21.44 15.50 4.27
N LEU B 237 -20.41 15.41 3.42
CA LEU B 237 -20.08 14.11 2.82
C LEU B 237 -19.76 13.07 3.87
N ARG B 238 -19.19 13.46 5.03
CA ARG B 238 -18.91 12.43 6.04
C ARG B 238 -20.21 11.91 6.63
N GLN B 239 -21.16 12.82 6.83
CA GLN B 239 -22.48 12.40 7.31
C GLN B 239 -23.21 11.56 6.26
N LEU B 240 -23.14 11.96 4.99
CA LEU B 240 -23.75 11.11 3.95
C LEU B 240 -23.12 9.71 3.94
N VAL B 241 -21.80 9.61 4.12
CA VAL B 241 -21.19 8.28 4.08
C VAL B 241 -21.51 7.47 5.35
N THR B 242 -21.66 8.12 6.51
CA THR B 242 -22.10 7.40 7.71
C THR B 242 -23.46 6.74 7.49
N GLU B 243 -24.43 7.53 7.05
CA GLU B 243 -25.75 7.04 6.71
C GLU B 243 -25.68 5.93 5.67
N HIS B 244 -24.76 6.07 4.70
CA HIS B 244 -24.68 5.05 3.66
C HIS B 244 -24.19 3.73 4.23
N ALA B 245 -23.15 3.78 5.08
CA ALA B 245 -22.58 2.58 5.69
C ALA B 245 -23.61 1.85 6.53
N GLN B 246 -24.44 2.61 7.26
CA GLN B 246 -25.50 2.01 8.05
C GLN B 246 -26.53 1.29 7.16
N MET B 247 -26.99 1.96 6.10
CA MET B 247 -27.84 1.28 5.13
C MET B 247 -27.18 0.02 4.59
N MET B 248 -25.87 0.07 4.28
CA MET B 248 -25.23 -1.15 3.77
C MET B 248 -25.19 -2.26 4.81
N GLN B 249 -25.14 -1.89 6.10
CA GLN B 249 -25.18 -2.92 7.14
C GLN B 249 -26.54 -3.58 7.20
N ARG B 250 -27.60 -2.80 7.08
CA ARG B 250 -28.92 -3.39 7.07
C ARG B 250 -29.07 -4.35 5.89
N ILE B 251 -28.56 -3.98 4.73
CA ILE B 251 -28.63 -4.85 3.55
C ILE B 251 -27.88 -6.16 3.80
N LYS B 252 -26.69 -6.07 4.39
CA LYS B 252 -25.93 -7.26 4.76
C LYS B 252 -26.72 -8.14 5.72
N LYS B 253 -27.54 -7.54 6.58
CA LYS B 253 -28.20 -8.31 7.62
C LYS B 253 -29.51 -8.87 7.12
N THR B 254 -30.21 -8.15 6.25
CA THR B 254 -31.56 -8.54 5.86
C THR B 254 -31.68 -9.03 4.42
N GLU B 255 -30.71 -8.74 3.55
CA GLU B 255 -30.77 -9.16 2.14
C GLU B 255 -29.68 -10.20 1.91
N THR B 256 -29.83 -11.34 2.58
CA THR B 256 -28.74 -12.29 2.65
C THR B 256 -28.47 -12.97 1.31
N GLU B 257 -29.41 -12.91 0.36
CA GLU B 257 -29.16 -13.43 -0.99
C GLU B 257 -28.41 -12.47 -1.90
N THR B 258 -28.13 -11.25 -1.46
CA THR B 258 -27.47 -10.26 -2.32
C THR B 258 -25.96 -10.33 -2.09
N SER B 259 -25.19 -10.45 -3.17
CA SER B 259 -23.74 -10.59 -3.04
C SER B 259 -23.10 -9.22 -2.79
N LEU B 260 -22.20 -9.12 -1.83
CA LEU B 260 -21.49 -7.84 -1.63
C LEU B 260 -20.04 -8.02 -2.02
N HIS B 261 -19.57 -7.15 -2.88
CA HIS B 261 -18.22 -7.28 -3.41
C HIS B 261 -17.19 -7.31 -2.27
N PRO B 262 -16.22 -8.22 -2.30
CA PRO B 262 -15.34 -8.39 -1.14
C PRO B 262 -14.53 -7.14 -0.79
N LEU B 263 -14.13 -6.31 -1.78
CA LEU B 263 -13.44 -5.06 -1.48
C LEU B 263 -14.32 -4.11 -0.66
N LEU B 264 -15.62 -4.00 -1.04
CA LEU B 264 -16.50 -3.12 -0.29
C LEU B 264 -16.74 -3.65 1.11
N GLN B 265 -16.76 -4.96 1.29
CA GLN B 265 -16.88 -5.47 2.66
C GLN B 265 -15.65 -5.13 3.50
N GLU B 266 -14.45 -5.11 2.90
CA GLU B 266 -13.29 -4.68 3.68
C GLU B 266 -13.43 -3.21 4.08
N ILE B 267 -13.99 -2.38 3.18
CA ILE B 267 -14.18 -0.96 3.50
C ILE B 267 -15.12 -0.79 4.67
N TYR B 268 -16.14 -1.67 4.82
CA TYR B 268 -17.20 -1.47 5.82
C TYR B 268 -16.98 -2.21 7.16
N LYS B 269 -15.89 -2.95 7.36
CA LYS B 269 -15.72 -3.72 8.60
C LYS B 269 -15.92 -2.86 9.86
N ASP B 270 -15.25 -1.72 9.92
CA ASP B 270 -15.07 -0.95 11.15
C ASP B 270 -15.79 0.39 11.17
N MET B 271 -16.85 0.57 10.37
CA MET B 271 -17.60 1.83 10.35
C MET B 271 -18.81 1.75 11.30
C5 B7G C . -6.49 -3.80 5.38
O5 B7G C . -7.51 -3.49 4.34
C1 B7G C . -8.74 -2.86 4.84
C2 B7G C . -9.30 -3.72 5.96
C3 B7G C . -8.31 -3.87 7.09
C4 B7G C . -7.02 -4.44 6.64
C6 B7G C . -5.52 -4.78 4.81
O1 B7G C . -9.60 -2.71 3.75
C7 B7G C . -9.38 -1.62 2.84
C8 B7G C . -10.26 -1.70 1.55
C9 B7G C . -10.21 -0.38 0.72
C10 B7G C . -8.95 -0.34 -0.16
C11 B7G C . -9.09 0.62 -1.35
C12 B7G C . -7.79 0.66 -2.18
O2 B7G C . -10.48 -3.10 6.46
O3 B7G C . -8.81 -4.71 8.20
O4 B7G C . -6.02 -4.27 7.67
O6 B7G C . -4.62 -4.04 4.02
C13 B7G C . -7.67 -0.46 -3.23
H5 B7G C . -6.02 -2.98 5.61
H1 B7G C . -8.53 -1.98 5.20
H2 B7G C . -9.53 -4.61 5.61
H3 B7G C . -8.13 -2.99 7.45
H4 B7G C . -7.14 -5.40 6.48
H61 B7G C . -5.03 -5.23 5.52
H62 B7G C . -5.99 -5.44 4.26
H71 B7G C . -9.57 -0.78 3.30
H72 B7G C . -8.42 -1.61 2.58
H81 B7G C . -11.17 -1.91 1.80
H82 B7G C . -9.90 -2.43 0.99
H91 B7G C . -10.21 0.37 1.32
H92 B7G C . -11.01 -0.33 0.15
H101 B7G C . -8.77 -1.23 -0.50
H102 B7G C . -8.18 -0.05 0.39
H111 B7G C . -9.32 1.53 -1.03
H112 B7G C . -9.82 0.30 -1.93
H121 B7G C . -7.02 0.60 -1.57
H122 B7G C . -7.74 1.53 -2.64
HO2 B7G C . -11.21 -3.50 6.10
HO3 B7G C . -8.80 -4.24 8.95
HO4 B7G C . -6.18 -4.85 8.34
HO6 B7G C . -4.00 -4.57 3.71
H131 B7G C . -6.80 -0.40 -3.68
H132 B7G C . -8.39 -0.36 -3.88
H133 B7G C . -7.76 -1.32 -2.78
C4 7V1 D . 20.39 -8.37 12.44
C5 7V1 D . 19.35 -7.60 12.95
C6 7V1 D . 19.00 -6.25 12.46
C7 7V1 D . 16.72 -7.66 15.56
C8 7V1 D . 15.86 -6.49 16.03
C10 7V1 D . 13.84 -5.19 15.54
C13 7V1 D . 18.69 -6.35 9.98
C15 7V1 D . 21.42 -4.51 11.95
C17 7V1 D . 21.61 -3.17 11.80
C20 7V1 D . 22.95 -4.55 13.77
C21 7V1 D . 17.78 -5.21 9.49
C22 7V1 D . 17.88 -7.62 10.22
C24 7V1 D . 24.38 -1.14 14.48
C26 7V1 D . 25.51 -2.08 16.18
N 7V1 D . 19.52 -5.93 11.15
C 7V1 D . 18.55 -8.08 13.95
O 7V1 D . 17.53 -7.27 14.41
C1 7V1 D . 18.78 -9.35 14.42
O1 7V1 D . 11.54 -6.67 14.33
C2 7V1 D . 19.82 -10.12 13.94
O2 7V1 D . 11.10 -5.00 13.06
C3 7V1 D . 20.64 -9.64 12.94
O3 7V1 D . 20.85 -4.93 9.71
O4 7V1 D . 24.76 -3.05 15.55
C9 7V1 D . 14.90 -6.08 14.95
C11 7V1 D . 12.92 -4.58 14.53
C12 7V1 D . 11.80 -5.49 13.98
C14 7V1 D . 20.56 -5.18 10.89
C16 7V1 D . 22.07 -5.22 12.91
C18 7V1 D . 22.45 -2.46 12.68
C19 7V1 D . 23.11 -3.18 13.66
C23 7V1 D . 24.04 -2.46 14.56
C25 7V1 D . 25.27 -0.90 15.50
H3 7V1 D . 21.01 -7.97 11.65
H5 7V1 D . 19.37 -5.50 13.17
H4 7V1 D . 17.91 -6.15 12.43
H6 7V1 D . 17.37 -7.99 16.36
H7 7V1 D . 16.08 -8.50 15.28
H9 7V1 D . 15.30 -6.78 16.93
H8 7V1 D . 16.50 -5.64 16.30
H13 7V1 D . 13.26 -5.76 16.26
H12 7V1 D . 14.34 -4.39 16.10
H16 7V1 D . 19.37 -6.58 9.14
H18 7V1 D . 21.09 -2.64 11.01
H20 7V1 D . 23.45 -5.09 14.55
H23 7V1 D . 17.13 -4.92 10.27
H21 7V1 D . 17.20 -5.53 8.67
H22 7V1 D . 18.37 -4.38 9.21
H24 7V1 D . 17.22 -7.46 11.04
H25 7V1 D . 18.54 -8.41 10.44
H26 7V1 D . 17.32 -7.85 9.36
H27 7V1 D . 23.97 -0.43 13.79
H29 7V1 D . 26.18 -2.22 17.00
H 7V1 D . 18.17 -9.74 15.22
H1 7V1 D . 19.98 -11.11 14.35
H2 7V1 D . 21.45 -10.24 12.54
H11 7V1 D . 15.45 -5.54 14.16
H10 7V1 D . 14.44 -6.96 14.52
H14 7V1 D . 12.47 -3.70 14.97
H15 7V1 D . 13.53 -4.23 13.68
H17 7V1 D . 21.95 -6.30 12.98
H19 7V1 D . 22.60 -1.40 12.57
H28 7V1 D . 25.73 0.06 15.73
C5 B7G E . -3.63 -1.55 7.90
O5 B7G E . -2.19 -1.45 8.17
C1 B7G E . -1.66 -2.60 8.91
C2 B7G E . -2.38 -2.76 10.26
C3 B7G E . -3.87 -2.87 10.00
C4 B7G E . -4.43 -1.75 9.19
C6 B7G E . -4.09 -0.30 7.20
O1 B7G E . -0.28 -2.45 9.07
C7 B7G E . 0.58 -2.90 8.02
C8 B7G E . 2.05 -2.51 8.28
C9 B7G E . 2.99 -2.92 7.14
C10 B7G E . 3.01 -1.88 5.99
C11 B7G E . 4.12 -2.29 4.99
C12 B7G E . 4.10 -1.45 3.69
O2 B7G E . -1.87 -3.95 10.90
O3 B7G E . -4.64 -2.96 11.23
O4 B7G E . -5.79 -2.00 8.79
O6 B7G E . -3.74 -0.42 5.85
C13 B7G E . 4.81 -0.07 3.77
H5 B7G E . -3.79 -2.31 7.31
H1 B7G E . -1.81 -3.41 8.39
H2 B7G E . -2.21 -1.98 10.82
H3 B7G E . -4.02 -3.69 9.50
H4 B7G E . -4.39 -0.92 9.71
H61 B7G E . -3.65 0.48 7.59
H62 B7G E . -5.07 -0.21 7.28
H71 B7G E . 0.29 -2.50 7.18
H72 B7G E . 0.52 -3.89 7.94
H81 B7G E . 2.10 -1.53 8.40
H82 B7G E . 2.34 -2.94 9.10
H91 B7G E . 3.89 -3.00 7.50
H92 B7G E . 2.70 -3.78 6.78
H101 B7G E . 2.15 -1.86 5.54
H102 B7G E . 3.21 -0.99 6.36
H111 B7G E . 5.00 -2.18 5.43
H112 B7G E . 3.98 -3.22 4.75
H121 B7G E . 3.17 -1.29 3.44
H122 B7G E . 4.54 -1.97 2.99
HO2 B7G E . -2.09 -3.94 11.77
HO3 B7G E . -4.75 -3.82 11.45
HO4 B7G E . -6.33 -1.39 9.18
HO6 B7G E . -3.13 0.19 5.64
H131 B7G E . 4.70 0.41 2.91
H132 B7G E . 4.41 0.46 4.49
H133 B7G E . 5.76 -0.19 3.95
C1 PGO F . 20.18 -5.84 4.85
C1 PGO F . 19.11 -5.77 4.06
C2 PGO F . 18.87 -6.16 4.15
C2 PGO F . 19.68 -6.11 5.43
C3 PGO F . 18.26 -7.41 4.79
C3 PGO F . 18.81 -7.11 6.14
O1 PGO F . 20.33 -4.43 5.00
O1 PGO F . 19.73 -4.60 3.56
O2 PGO F . 19.09 -6.34 2.76
O2 PGO F . 19.75 -4.94 6.20
H11 PGO F . 20.19 -6.25 5.73
H11 PGO F . 19.27 -6.51 3.45
H12 PGO F . 20.91 -6.18 4.32
H12 PGO F . 18.15 -5.61 4.14
H2 PGO F . 18.25 -5.42 4.27
H2 PGO F . 20.57 -6.49 5.33
H31 PGO F . 18.81 -8.18 4.59
H31 PGO F . 18.51 -7.80 5.50
H32 PGO F . 17.36 -7.55 4.43
H32 PGO F . 18.02 -6.66 6.51
H33 PGO F . 18.20 -7.28 5.76
H33 PGO F . 19.31 -7.54 6.85
HO1 PGO F . 20.59 -4.25 5.83
HO1 PGO F . 19.72 -4.62 2.66
HO2 PGO F . 18.68 -7.08 2.49
HO2 PGO F . 20.41 -4.42 5.89
C1 PGO G . 35.03 -9.06 8.17
C2 PGO G . 35.82 -7.83 7.83
C3 PGO G . 36.38 -7.19 9.07
O1 PGO G . 34.83 -9.76 6.96
O2 PGO G . 34.96 -6.96 7.16
H11 PGO G . 34.18 -8.81 8.56
H12 PGO G . 35.53 -9.62 8.80
H2 PGO G . 36.57 -8.08 7.23
H31 PGO G . 36.29 -7.80 9.83
H32 PGO G . 35.89 -6.36 9.26
H33 PGO G . 37.33 -6.98 8.95
HO1 PGO G . 35.36 -10.47 6.93
HO2 PGO G . 35.33 -6.70 6.40
C1 PGO H . 4.24 -11.91 12.90
C2 PGO H . 4.69 -10.69 12.11
C3 PGO H . 4.14 -9.47 12.75
O1 PGO H . 3.05 -11.65 13.63
O2 PGO H . 4.18 -10.73 10.80
H11 PGO H . 4.94 -12.18 13.52
H12 PGO H . 4.06 -12.65 12.27
H2 PGO H . 5.66 -10.65 12.10
H31 PGO H . 4.74 -8.72 12.59
H32 PGO H . 4.05 -9.63 13.72
H33 PGO H . 3.26 -9.28 12.38
HO1 PGO H . 2.82 -12.38 14.07
HO2 PGO H . 4.85 -10.71 10.22
C1 PGO I . -11.35 -10.21 -4.83
C2 PGO I . -11.41 -10.28 -6.34
C3 PGO I . -11.66 -8.88 -6.86
O1 PGO I . -10.79 -11.40 -4.29
O2 PGO I . -12.41 -11.20 -6.79
H11 PGO I . -10.79 -9.45 -4.56
H12 PGO I . -12.25 -10.08 -4.47
H2 PGO I . -10.55 -10.59 -6.68
H31 PGO I . -10.88 -8.32 -6.67
H32 PGO I . -12.44 -8.50 -6.41
H33 PGO I . -11.81 -8.91 -7.81
HO1 PGO I . -11.32 -11.71 -3.65
HO2 PGO I . -12.13 -11.62 -7.52
C1 PEG J . 23.28 -26.48 6.26
O1 PEG J . 24.67 -26.09 6.22
C2 PEG J . 22.35 -25.65 5.31
O2 PEG J . 20.99 -26.15 5.21
C3 PEG J . 20.27 -26.32 6.46
C4 PEG J . 20.45 -27.68 6.96
O4 PEG J . 20.71 -27.65 8.32
H11 PEG J . 23.22 -27.42 6.00
H12 PEG J . 22.96 -26.37 7.17
HO1 PEG J . 25.12 -26.56 6.80
H21 PEG J . 22.32 -24.74 5.65
H22 PEG J . 22.74 -25.63 4.42
H31 PEG J . 19.33 -26.15 6.30
H32 PEG J . 20.61 -25.69 7.11
H41 PEG J . 19.63 -28.18 6.79
H42 PEG J . 21.17 -28.10 6.49
HO4 PEG J . 20.50 -28.39 8.66
C1 PEG K . 26.93 4.43 21.89
O1 PEG K . 28.07 4.04 22.67
C2 PEG K . 26.91 5.93 21.64
O2 PEG K . 25.62 6.37 21.22
C3 PEG K . 25.46 7.80 21.30
C4 PEG K . 24.11 8.23 20.97
O4 PEG K . 23.95 9.59 21.25
H11 PEG K . 26.11 4.17 22.39
H12 PEG K . 26.94 3.94 21.04
HO1 PEG K . 28.08 3.17 22.76
H21 PEG K . 27.55 6.15 20.95
H22 PEG K . 27.15 6.41 22.46
H31 PEG K . 26.08 8.23 20.68
H32 PEG K . 25.67 8.11 22.20
H41 PEG K . 23.47 7.72 21.51
H42 PEG K . 23.93 8.07 20.04
HO4 PEG K . 23.34 9.91 20.78
C1 PEG L . 26.75 -4.96 -7.81
O1 PEG L . 26.55 -6.33 -7.58
C2 PEG L . 25.71 -4.14 -7.04
O2 PEG L . 26.27 -2.87 -6.72
C3 PEG L . 25.64 -2.09 -5.67
C4 PEG L . 25.71 -2.71 -4.35
O4 PEG L . 26.61 -2.01 -3.52
H11 PEG L . 26.66 -4.77 -8.77
H12 PEG L . 27.65 -4.71 -7.52
HO1 PEG L . 27.33 -6.72 -7.50
H21 PEG L . 25.47 -4.59 -6.22
H22 PEG L . 24.92 -4.01 -7.59
H31 PEG L . 26.08 -1.22 -5.63
H32 PEG L . 24.70 -1.96 -5.90
H41 PEG L . 24.83 -2.70 -3.94
H42 PEG L . 26.01 -3.62 -4.44
HO4 PEG L . 26.18 -1.55 -2.97
C1 PGO M . -5.91 -1.16 -6.89
C2 PGO M . -5.34 -1.77 -8.17
C3 PGO M . -6.06 -3.07 -8.51
O1 PGO M . -4.86 -0.97 -5.96
O2 PGO M . -3.96 -2.02 -7.98
H11 PGO M . -6.58 -1.75 -6.52
H12 PGO M . -6.31 -0.30 -7.11
H2 PGO M . -5.45 -1.15 -8.90
H31 PGO M . -5.76 -3.78 -7.93
H32 PGO M . -7.02 -2.93 -8.40
H33 PGO M . -5.88 -3.30 -9.44
HO1 PGO M . -4.11 -0.80 -6.40
HO2 PGO M . -3.62 -2.38 -8.73
C4 7V1 N . -25.73 6.30 -7.65
C4 7V1 N . -25.73 6.31 -7.66
C5 7V1 N . -25.27 5.13 -7.10
C5 7V1 N . -25.28 5.12 -7.10
C6 7V1 N . -24.27 4.24 -7.78
C6 7V1 N . -24.28 4.23 -7.79
C7 7V1 N . -25.57 2.97 -4.10
C7 7V1 N . -25.64 2.97 -4.11
C8 7V1 N . -25.09 1.53 -4.04
C8 7V1 N . -25.17 1.51 -4.03
C10 7V1 N . -23.22 0.16 -3.21
C10 7V1 N . -23.26 0.03 -3.58
C13 7V1 N . -22.33 5.69 -8.31
C13 7V1 N . -22.33 5.68 -8.31
C15 7V1 N . -24.66 3.95 -10.75
C15 7V1 N . -24.68 4.00 -10.76
C17 7V1 N . -24.28 2.99 -11.69
C17 7V1 N . -24.31 3.05 -11.71
C20 7V1 N . -26.97 3.42 -11.14
C20 7V1 N . -26.99 3.43 -11.15
C21 7V1 N . -21.09 4.77 -8.29
C21 7V1 N . -21.11 4.74 -8.28
C22 7V1 N . -22.53 6.39 -6.97
C22 7V1 N . -22.53 6.36 -6.94
C24 7V1 N . -27.38 0.84 -13.89
C24 7V1 N . -27.40 0.82 -13.88
C26 7V1 N . -29.58 0.84 -13.49
C26 7V1 N . -29.59 0.83 -13.46
N 7V1 N . -23.46 4.88 -8.80
N 7V1 N . -23.48 4.91 -8.80
C 7V1 N . -25.70 4.71 -5.84
C 7V1 N . -25.72 4.71 -5.85
O 7V1 N . -25.19 3.52 -5.36
O 7V1 N . -25.23 3.52 -5.36
C1 7V1 N . -26.57 5.49 -5.14
C1 7V1 N . -26.61 5.50 -5.15
O1 7V1 N . -19.79 0.99 -2.59
O1 7V1 N . -21.56 -0.74 -1.05
C2 7V1 N . -27.06 6.67 -5.69
C2 7V1 N . -27.08 6.67 -5.72
O2 7V1 N . -21.49 1.21 -1.19
O2 7V1 N . -20.91 1.25 -1.65
C3 7V1 N . -26.65 7.08 -6.96
C3 7V1 N . -26.64 7.08 -6.98
O3 7V1 N . -22.66 5.12 -10.83
O3 7V1 N . -22.80 5.35 -10.84
O4 7V1 N . -28.98 1.70 -12.59
O4 7V1 N . -28.98 1.69 -12.58
C9 7V1 N . -23.57 1.48 -3.90
C9 7V1 N . -23.65 1.45 -3.94
C11 7V1 N . -21.75 -0.15 -3.20
C11 7V1 N . -21.76 -0.14 -3.36
C12 7V1 N . -20.96 0.75 -2.25
C12 7V1 N . -21.38 0.14 -1.92
C14 7V1 N . -23.55 4.71 -10.09
C14 7V1 N . -23.61 4.81 -10.10
C16 7V1 N . -25.99 4.17 -10.47
C16 7V1 N . -26.03 4.20 -10.48
C18 7V1 N . -25.25 2.25 -12.35
C18 7V1 N . -25.26 2.29 -12.36
C19 7V1 N . -26.60 2.45 -12.08
C19 7V1 N . -26.60 2.48 -12.09
C23 7V1 N . -27.62 1.66 -12.83
C23 7V1 N . -27.63 1.67 -12.82
C25 7V1 N . -28.60 0.32 -14.30
C25 7V1 N . -28.62 0.30 -14.27
H3 7V1 N . -25.39 6.61 -8.63
H3 7V1 N . -25.38 6.61 -8.64
H5 7V1 N . -23.60 3.81 -7.02
H5 7V1 N . -23.60 3.81 -7.03
H4 7V1 N . -24.81 3.40 -8.24
H4 7V1 N . -24.80 3.40 -8.25
H6 7V1 N . -26.65 3.01 -3.98
H6 7V1 N . -26.73 3.00 -4.03
H7 7V1 N . -25.12 3.55 -3.29
H7 7V1 N . -25.22 3.53 -3.29
H9 7V1 N . -25.39 1.00 -4.94
H9 7V1 N . -25.50 0.98 -4.93
H8 7V1 N . -25.55 1.02 -3.18
H8 7V1 N . -25.61 1.03 -3.16
H13 7V1 N . -23.76 -0.65 -3.70
H13 7V1 N . -23.57 -0.65 -4.38
H12 7V1 N . -23.58 0.21 -2.17
H12 7V1 N . -23.78 -0.27 -2.67
H16 7V1 N . -22.13 6.48 -9.06
H16 7V1 N . -22.11 6.48 -9.04
H18 7V1 N . -23.24 2.82 -11.91
H18 7V1 N . -23.25 2.91 -11.94
H20 7V1 N . -28.02 3.59 -10.93
H20 7V1 N . -28.04 3.58 -10.94
H23 7V1 N . -20.91 4.40 -9.27
H23 7V1 N . -20.92 4.39 -9.27
H21 7V1 N . -20.26 5.31 -7.95
H21 7V1 N . -20.26 5.27 -7.93
H22 7V1 N . -21.28 3.96 -7.65
H22 7V1 N . -21.31 3.92 -7.64
H24 7V1 N . -23.37 7.04 -7.03
H24 7V1 N . -23.34 7.03 -6.99
H25 7V1 N . -21.67 6.95 -6.72
H25 7V1 N . -21.64 6.88 -6.68
H26 7V1 N . -22.72 5.66 -6.22
H26 7V1 N . -22.73 5.62 -6.21
H27 7V1 N . -26.42 0.61 -14.31
H27 7V1 N . -26.43 0.60 -14.31
H29 7V1 N . -30.64 0.64 -13.56
H29 7V1 N . -30.65 0.62 -13.52
H 7V1 N . -26.92 5.16 -4.17
H 7V1 N . -26.97 5.18 -4.18
H1 7V1 N . -27.77 7.27 -5.14
H1 7V1 N . -27.80 7.28 -5.17
H2 7V1 N . -27.01 8.01 -7.38
H2 7V1 N . -27.00 8.02 -7.41
H11 7V1 N . -23.21 2.33 -3.31
H11 7V1 N . -23.30 2.14 -3.17
H10 7V1 N . -23.10 1.51 -4.89
H10 7V1 N . -23.20 1.74 -4.89
H14 7V1 N . -21.35 -0.02 -4.20
H14 7V1 N . -21.22 0.55 -4.02
H15 7V1 N . -21.60 -1.19 -2.90
H15 7V1 N . -21.46 -1.15 -3.63
H17 7V1 N . -26.28 4.92 -9.73
H17 7V1 N . -26.33 4.94 -9.76
H19 7V1 N . -24.96 1.51 -13.09
H19 7V1 N . -24.95 1.55 -13.10
H28 7V1 N . -28.75 -0.40 -15.11
H28 7V1 N . -28.78 -0.41 -15.07
C1 PGO O . -18.78 8.12 -12.11
C1 PGO O . -18.07 7.93 -11.44
C2 PGO O . -18.03 9.17 -11.30
C2 PGO O . -18.55 8.81 -10.29
C3 PGO O . -18.33 8.99 -9.80
C3 PGO O . -17.56 8.78 -9.16
O1 PGO O . -19.22 7.06 -11.28
O1 PGO O . -18.05 8.63 -12.67
O2 PGO O . -18.42 10.47 -11.74
O2 PGO O . -19.78 8.37 -9.76
H11 PGO O . -19.55 8.53 -12.54
H11 PGO O . -17.17 7.60 -11.24
H12 PGO O . -18.18 7.76 -12.79
H12 PGO O . -18.67 7.15 -11.51
H2 PGO O . -17.07 9.06 -11.44
H2 PGO O . -18.64 9.73 -10.61
H31 PGO O . -17.90 8.17 -9.49
H31 PGO O . -17.55 7.89 -8.76
H32 PGO O . -19.29 8.93 -9.67
H32 PGO O . -17.83 9.43 -8.47
H33 PGO O . -17.98 9.75 -9.31
H33 PGO O . -16.67 9.00 -9.48
HO1 PGO O . -20.11 7.06 -11.23
HO1 PGO O . -17.26 8.54 -13.05
HO2 PGO O . -17.94 10.68 -12.46
HO2 PGO O . -20.44 8.75 -10.21
C1 PGO P . 5.80 7.72 10.45
C2 PGO P . 5.71 7.95 11.95
C3 PGO P . 4.26 8.16 12.35
O1 PGO P . 6.89 6.90 10.12
O2 PGO P . 6.49 9.07 12.33
H11 PGO P . 5.90 8.60 10.01
H12 PGO P . 4.97 7.31 10.14
H2 PGO P . 6.06 7.16 12.40
H31 PGO P . 3.80 7.31 12.34
H32 PGO P . 3.84 8.77 11.72
H33 PGO P . 4.23 8.55 13.24
HO1 PGO P . 7.19 7.11 9.30
HO2 PGO P . 7.30 8.80 12.58
C1 PGO Q . -30.65 14.36 -20.13
C2 PGO Q . -30.45 13.02 -20.79
C3 PGO Q . -29.82 13.16 -22.16
O1 PGO Q . -31.75 14.32 -19.23
O2 PGO Q . -31.70 12.37 -20.90
H11 PGO Q . -30.82 15.03 -20.82
H12 PGO Q . -29.85 14.61 -19.63
H2 PGO Q . -29.86 12.47 -20.22
H31 PGO Q . -29.96 12.34 -22.67
H32 PGO Q . -30.24 13.91 -22.63
H33 PGO Q . -28.87 13.32 -22.06
HO1 PGO Q . -31.83 15.11 -18.82
HO2 PGO Q . -31.57 11.52 -21.12
C1 PEG R . -13.80 19.89 6.67
O1 PEG R . -12.51 20.44 6.37
C2 PEG R . -13.66 18.63 7.54
O2 PEG R . -14.88 18.26 8.20
C3 PEG R . -14.75 17.89 9.61
C4 PEG R . -16.01 17.46 10.22
O4 PEG R . -15.79 16.97 11.52
H11 PEG R . -14.35 20.55 7.14
H12 PEG R . -14.25 19.64 5.82
HO1 PEG R . -12.53 21.30 6.53
H21 PEG R . -12.99 18.79 8.21
H22 PEG R . -13.37 17.89 6.98
H31 PEG R . -14.10 17.16 9.68
H32 PEG R . -14.40 18.66 10.10
H41 PEG R . -16.61 18.22 10.27
H42 PEG R . -16.40 16.77 9.67
HO4 PEG R . -16.52 16.90 11.92
C1 PEG S . -38.42 -5.97 -28.32
O1 PEG S . -37.53 -4.97 -28.80
C2 PEG S . -38.59 -5.85 -26.78
O2 PEG S . -39.37 -6.94 -26.23
C3 PEG S . -40.10 -6.67 -24.98
C4 PEG S . -39.53 -7.37 -23.83
O4 PEG S . -40.02 -6.85 -22.61
H11 PEG S . -38.05 -6.86 -28.53
H12 PEG S . -39.29 -5.86 -28.76
HO1 PEG S . -37.16 -5.23 -29.54
H21 PEG S . -39.04 -5.02 -26.59
H22 PEG S . -37.72 -5.85 -26.36
H31 PEG S . -41.03 -6.94 -25.09
H32 PEG S . -40.07 -5.70 -24.81
H41 PEG S . -39.77 -8.32 -23.89
H42 PEG S . -38.57 -7.29 -23.85
HO4 PEG S . -39.46 -6.98 -22.00
C1 PEG T . -30.17 -10.60 -16.83
O1 PEG T . -28.81 -10.92 -16.56
C2 PEG T . -30.33 -9.26 -17.55
O2 PEG T . -30.80 -8.27 -16.65
C3 PEG T . -32.24 -8.22 -16.46
C4 PEG T . -32.75 -7.12 -17.26
O4 PEG T . -33.96 -6.63 -16.74
H11 PEG T . -30.66 -10.57 -15.98
H12 PEG T . -30.56 -11.32 -17.38
HO1 PEG T . -28.69 -11.78 -16.63
H21 PEG T . -30.96 -9.35 -18.28
H22 PEG T . -29.47 -8.98 -17.91
H31 PEG T . -32.43 -8.06 -15.51
H32 PEG T . -32.64 -9.06 -16.74
H41 PEG T . -32.09 -6.41 -17.26
H42 PEG T . -32.90 -7.43 -18.16
HO4 PEG T . -33.81 -6.05 -16.16
#